data_1N1E
#
_entry.id   1N1E
#
_cell.length_a   77.745
_cell.length_b   77.745
_cell.length_c   266.631
_cell.angle_alpha   90.00
_cell.angle_beta   90.00
_cell.angle_gamma   120.00
#
_symmetry.space_group_name_H-M   'P 65'
#
loop_
_entity.id
_entity.type
_entity.pdbx_description
1 polymer 'glycerol-3-phosphate dehydrogenase'
2 non-polymer "ADENOSINE 5'-(TRIHYDROGEN DIPHOSPHATE) P'-5'-ESTER WITH 3-(AMINOCARBONYL)-4-(1-HYDROXYL-2-OXO-3-PHOSPHONOOXY-PROPYL)-1-BETA-D-RIBOFURANOSYLPYRIDINIUM INNER SALT"
3 water water
#
_entity_poly.entity_id   1
_entity_poly.type   'polypeptide(L)'
_entity_poly.pdbx_seq_one_letter_code
;MSTKQHSAKDELLYLNKAVVFGSGAFGTALAMVLSKKCREVCVWHMNEEEVRLVNEKRENVLFLKGVQLASNITFTSDVE
KAYNGAEIILFVIPTQFLRGFFEKSGGNLIAYAKEKQVPVLVCTKGIERSTLKFPAEIIGEFLPSPLLSVLAGPSFAIEV
ATGVFTCVSIASADINVARRLQRIMSTGDRSFVCWATTDTVGCEVASAVKNVLAIGSGVANGLGMGLNARAALIMRGLLE
IRDLTAALGGDGSAVFGLAGLGDLQLTCSSELSRNFTVGKKLGKGLPIEEIQRTSKAVAEGVATADPLMRLAKQLKVKMP
LCHQIYEIVYKKKNPRDALADLLSCGLQDEGLPPLFKRSASTPSKL
;
_entity_poly.pdbx_strand_id   A,B
#
loop_
_chem_comp.id
_chem_comp.type
_chem_comp.name
_chem_comp.formula
NDE non-polymer 'ADENOSINE 5'-(TRIHYDROGEN DIPHOSPHATE) P'-5'-ESTER WITH 3-(AMINOCARBONYL)-4-(1-HYDROXYL-2-OXO-3-PHOSPHONOOXY-PROPYL)-1-BETA-D-RIBOFURANOSYLPYRIDINIUM INNER SALT' 'C24 H32 N7 O20 P3'
#
# COMPACT_ATOMS: atom_id res chain seq x y z
N LYS A 9 -9.16 -5.22 29.51
CA LYS A 9 -7.77 -5.32 30.04
C LYS A 9 -6.75 -5.35 28.88
N ASP A 10 -5.76 -4.47 28.95
CA ASP A 10 -4.67 -4.42 27.97
C ASP A 10 -3.30 -4.81 28.57
N GLU A 11 -3.32 -5.55 29.68
CA GLU A 11 -2.10 -6.09 30.27
C GLU A 11 -1.76 -7.42 29.60
N LEU A 12 -0.48 -7.63 29.40
CA LEU A 12 0.02 -8.77 28.66
C LEU A 12 -0.13 -10.04 29.48
N LEU A 13 -0.29 -11.15 28.78
CA LEU A 13 -0.29 -12.46 29.39
C LEU A 13 1.00 -13.18 29.04
N TYR A 14 1.45 -14.01 29.98
CA TYR A 14 2.65 -14.79 29.86
C TYR A 14 2.30 -16.27 30.08
N LEU A 15 2.92 -17.17 29.33
CA LEU A 15 2.66 -18.60 29.43
C LEU A 15 3.87 -19.37 29.95
N ASN A 16 3.64 -20.60 30.39
CA ASN A 16 4.71 -21.55 30.69
C ASN A 16 5.37 -22.09 29.44
N LYS A 17 4.53 -22.43 28.46
CA LYS A 17 5.00 -23.08 27.26
C LYS A 17 4.10 -22.80 26.07
N ALA A 18 4.74 -22.64 24.91
CA ALA A 18 4.08 -22.63 23.61
C ALA A 18 4.74 -23.66 22.70
N VAL A 19 3.97 -24.18 21.77
CA VAL A 19 4.50 -25.05 20.72
C VAL A 19 4.18 -24.47 19.34
N VAL A 20 5.17 -24.49 18.45
CA VAL A 20 5.01 -24.06 17.07
C VAL A 20 5.23 -25.27 16.17
N PHE A 21 4.17 -25.67 15.46
CA PHE A 21 4.30 -26.65 14.39
C PHE A 21 4.52 -25.91 13.09
N GLY A 22 5.76 -25.94 12.64
CA GLY A 22 6.21 -25.12 11.52
C GLY A 22 7.61 -24.60 11.81
N SER A 23 8.58 -25.22 11.17
CA SER A 23 9.99 -24.98 11.43
C SER A 23 10.62 -24.05 10.39
N GLY A 24 9.79 -23.46 9.55
CA GLY A 24 10.24 -22.58 8.49
C GLY A 24 10.64 -21.19 9.00
N ALA A 25 10.84 -20.26 8.06
CA ALA A 25 11.19 -18.88 8.41
C ALA A 25 10.17 -18.28 9.38
N PHE A 26 8.89 -18.40 9.04
CA PHE A 26 7.87 -17.72 9.85
C PHE A 26 7.60 -18.42 11.17
N GLY A 27 7.58 -19.75 11.16
CA GLY A 27 7.42 -20.47 12.41
C GLY A 27 8.53 -20.15 13.41
N THR A 28 9.75 -20.06 12.90
CA THR A 28 10.90 -19.73 13.74
C THR A 28 10.81 -18.28 14.23
N ALA A 29 10.42 -17.36 13.35
CA ALA A 29 10.17 -15.96 13.71
C ALA A 29 9.15 -15.83 14.82
N LEU A 30 8.03 -16.54 14.70
CA LEU A 30 7.00 -16.51 15.73
C LEU A 30 7.45 -17.19 17.03
N ALA A 31 8.32 -18.18 16.95
CA ALA A 31 8.92 -18.75 18.14
C ALA A 31 9.80 -17.70 18.86
N MET A 32 10.47 -16.85 18.08
CA MET A 32 11.26 -15.76 18.67
C MET A 32 10.35 -14.77 19.41
N VAL A 33 9.19 -14.47 18.86
CA VAL A 33 8.20 -13.63 19.55
C VAL A 33 7.77 -14.31 20.83
N LEU A 34 7.36 -15.56 20.71
CA LEU A 34 6.86 -16.32 21.85
C LEU A 34 7.93 -16.54 22.92
N SER A 35 9.20 -16.58 22.55
CA SER A 35 10.27 -16.72 23.55
C SER A 35 10.31 -15.54 24.54
N LYS A 36 9.78 -14.39 24.14
CA LYS A 36 9.67 -13.23 25.04
C LYS A 36 8.49 -13.33 26.00
N LYS A 37 7.53 -14.20 25.67
CA LYS A 37 6.28 -14.30 26.42
C LYS A 37 6.11 -15.62 27.18
N CYS A 38 6.97 -16.59 26.90
CA CYS A 38 6.86 -17.94 27.45
C CYS A 38 8.17 -18.43 28.07
N ARG A 39 8.09 -19.21 29.14
CA ARG A 39 9.29 -19.78 29.72
C ARG A 39 9.98 -20.74 28.74
N GLU A 40 9.18 -21.48 28.00
CA GLU A 40 9.66 -22.50 27.10
C GLU A 40 8.90 -22.43 25.77
N VAL A 41 9.62 -22.57 24.65
CA VAL A 41 9.00 -22.68 23.33
C VAL A 41 9.61 -23.85 22.60
N CYS A 42 8.78 -24.75 22.08
CA CYS A 42 9.23 -25.88 21.28
C CYS A 42 8.78 -25.66 19.85
N VAL A 43 9.69 -25.93 18.91
CA VAL A 43 9.38 -25.85 17.49
C VAL A 43 9.49 -27.26 16.91
N TRP A 44 8.42 -27.74 16.29
CA TRP A 44 8.45 -29.08 15.69
C TRP A 44 8.95 -29.00 14.24
N HIS A 45 9.89 -29.90 13.93
CA HIS A 45 10.45 -30.06 12.60
C HIS A 45 10.47 -31.56 12.29
N MET A 46 10.16 -31.93 11.05
CA MET A 46 9.97 -33.34 10.68
C MET A 46 11.22 -34.22 10.66
N ASN A 47 12.42 -33.62 10.63
CA ASN A 47 13.66 -34.38 10.43
C ASN A 47 14.63 -34.26 11.63
N GLU A 48 14.97 -35.39 12.25
CA GLU A 48 15.70 -35.38 13.52
C GLU A 48 17.16 -34.95 13.40
N GLU A 49 17.82 -35.38 12.34
CA GLU A 49 19.20 -34.97 12.05
C GLU A 49 19.28 -33.43 11.94
N GLU A 50 18.32 -32.84 11.25
CA GLU A 50 18.28 -31.39 11.06
C GLU A 50 17.93 -30.68 12.38
N VAL A 51 17.06 -31.30 13.19
CA VAL A 51 16.74 -30.81 14.52
C VAL A 51 17.99 -30.69 15.39
N ARG A 52 18.82 -31.72 15.36
CA ARG A 52 20.05 -31.75 16.13
C ARG A 52 21.02 -30.65 15.69
N LEU A 53 21.10 -30.45 14.38
CA LEU A 53 21.91 -29.38 13.80
C LEU A 53 21.47 -27.99 14.29
N VAL A 54 20.17 -27.73 14.18
CA VAL A 54 19.61 -26.45 14.58
C VAL A 54 19.84 -26.19 16.07
N ASN A 55 19.62 -27.22 16.88
CA ASN A 55 19.80 -27.09 18.32
C ASN A 55 21.28 -26.82 18.67
N GLU A 56 22.18 -27.52 17.99
CA GLU A 56 23.61 -27.34 18.22
C GLU A 56 24.10 -25.94 17.81
N LYS A 57 23.66 -25.46 16.67
CA LYS A 57 24.08 -24.17 16.13
C LYS A 57 23.39 -22.98 16.81
N ARG A 58 22.32 -23.25 17.56
CA ARG A 58 21.46 -22.21 18.12
C ARG A 58 21.07 -21.21 17.02
N GLU A 59 20.75 -21.79 15.87
CA GLU A 59 20.36 -21.04 14.68
C GLU A 59 19.63 -21.99 13.74
N ASN A 60 18.50 -21.54 13.19
CA ASN A 60 17.82 -22.27 12.14
C ASN A 60 18.55 -22.07 10.83
N VAL A 61 19.62 -22.83 10.64
CA VAL A 61 20.46 -22.71 9.44
C VAL A 61 19.74 -23.24 8.20
N LEU A 62 18.64 -23.95 8.38
CA LEU A 62 17.86 -24.45 7.25
C LEU A 62 16.99 -23.36 6.60
N PHE A 63 16.24 -22.63 7.41
CA PHE A 63 15.18 -21.73 6.92
C PHE A 63 15.23 -20.28 7.44
N LEU A 64 16.07 -19.99 8.43
CA LEU A 64 16.21 -18.60 8.92
C LEU A 64 17.65 -18.29 9.30
N LYS A 65 18.53 -18.31 8.30
CA LYS A 65 19.95 -18.11 8.50
C LYS A 65 20.25 -16.71 9.04
N GLY A 66 21.16 -16.63 9.99
CA GLY A 66 21.68 -15.37 10.45
C GLY A 66 21.04 -14.89 11.74
N VAL A 67 20.02 -15.58 12.22
CA VAL A 67 19.32 -15.18 13.44
C VAL A 67 19.58 -16.21 14.53
N GLN A 68 20.22 -15.77 15.60
CA GLN A 68 20.49 -16.63 16.74
C GLN A 68 19.23 -16.83 17.58
N LEU A 69 18.92 -18.10 17.81
CA LEU A 69 17.73 -18.49 18.57
C LEU A 69 17.89 -18.17 20.04
N ALA A 70 16.80 -17.71 20.66
CA ALA A 70 16.74 -17.56 22.10
C ALA A 70 17.01 -18.92 22.76
N SER A 71 17.57 -18.90 23.97
CA SER A 71 17.96 -20.13 24.65
C SER A 71 16.76 -20.96 25.08
N ASN A 72 15.61 -20.32 25.24
CA ASN A 72 14.41 -21.03 25.65
C ASN A 72 13.59 -21.57 24.47
N ILE A 73 14.17 -21.53 23.26
CA ILE A 73 13.60 -22.19 22.07
C ILE A 73 14.36 -23.50 21.79
N THR A 74 13.63 -24.61 21.75
CA THR A 74 14.20 -25.91 21.44
C THR A 74 13.45 -26.53 20.27
N PHE A 75 14.19 -27.04 19.31
CA PHE A 75 13.59 -27.78 18.20
C PHE A 75 13.46 -29.25 18.57
N THR A 76 12.42 -29.90 18.03
CA THR A 76 12.23 -31.34 18.25
C THR A 76 11.53 -31.95 17.04
N SER A 77 11.73 -33.26 16.82
CA SER A 77 10.99 -33.98 15.78
C SER A 77 9.93 -34.88 16.37
N ASP A 78 9.78 -34.85 17.70
CA ASP A 78 8.80 -35.65 18.40
C ASP A 78 7.57 -34.78 18.66
N VAL A 79 6.46 -35.10 17.99
CA VAL A 79 5.23 -34.31 18.09
C VAL A 79 4.74 -34.23 19.53
N GLU A 80 4.73 -35.36 20.22
CA GLU A 80 4.15 -35.46 21.56
C GLU A 80 4.97 -34.68 22.59
N LYS A 81 6.29 -34.70 22.47
CA LYS A 81 7.16 -33.91 23.34
C LYS A 81 6.96 -32.43 23.02
N ALA A 82 6.78 -32.11 21.74
CA ALA A 82 6.58 -30.71 21.32
C ALA A 82 5.40 -30.05 22.04
N TYR A 83 4.22 -30.70 22.02
CA TYR A 83 3.02 -30.04 22.54
C TYR A 83 2.80 -30.24 24.02
N ASN A 84 3.52 -31.17 24.63
CA ASN A 84 3.27 -31.53 26.02
C ASN A 84 3.35 -30.31 26.93
N GLY A 85 2.25 -30.00 27.62
CA GLY A 85 2.19 -28.86 28.52
C GLY A 85 2.03 -27.49 27.85
N ALA A 86 1.95 -27.45 26.53
CA ALA A 86 1.79 -26.18 25.82
C ALA A 86 0.41 -25.59 26.06
N GLU A 87 0.37 -24.28 26.25
CA GLU A 87 -0.84 -23.54 26.53
C GLU A 87 -1.30 -22.73 25.32
N ILE A 88 -0.50 -22.74 24.26
CA ILE A 88 -0.93 -22.26 22.95
C ILE A 88 -0.23 -23.11 21.88
N ILE A 89 -0.93 -23.37 20.79
CA ILE A 89 -0.41 -24.11 19.64
C ILE A 89 -0.50 -23.23 18.40
N LEU A 90 0.61 -23.08 17.70
CA LEU A 90 0.66 -22.36 16.44
C LEU A 90 0.86 -23.35 15.29
N PHE A 91 0.10 -23.20 14.21
CA PHE A 91 0.37 -23.96 12.98
C PHE A 91 0.91 -23.02 11.91
N VAL A 92 2.09 -23.35 11.43
CA VAL A 92 2.80 -22.53 10.46
C VAL A 92 3.44 -23.45 9.43
N ILE A 93 2.81 -24.60 9.22
CA ILE A 93 3.20 -25.54 8.18
C ILE A 93 2.56 -25.03 6.87
N PRO A 94 3.30 -25.03 5.77
CA PRO A 94 2.74 -24.54 4.50
C PRO A 94 1.48 -25.29 4.07
N THR A 95 0.62 -24.59 3.35
CA THR A 95 -0.75 -25.02 3.11
C THR A 95 -0.85 -26.44 2.55
N GLN A 96 -0.03 -26.74 1.56
CA GLN A 96 -0.14 -28.03 0.85
C GLN A 96 0.40 -29.20 1.68
N PHE A 97 1.04 -28.90 2.83
CA PHE A 97 1.57 -29.94 3.70
C PHE A 97 0.79 -30.10 5.01
N LEU A 98 -0.16 -29.21 5.27
CA LEU A 98 -0.92 -29.24 6.53
C LEU A 98 -1.68 -30.54 6.70
N ARG A 99 -2.42 -30.95 5.66
CA ARG A 99 -3.25 -32.16 5.71
C ARG A 99 -2.43 -33.38 6.09
N GLY A 100 -1.30 -33.55 5.42
CA GLY A 100 -0.45 -34.71 5.62
C GLY A 100 0.07 -34.77 7.04
N PHE A 101 0.36 -33.62 7.63
CA PHE A 101 0.78 -33.58 9.02
C PHE A 101 -0.30 -34.14 9.94
N PHE A 102 -1.54 -33.71 9.76
CA PHE A 102 -2.62 -34.21 10.62
C PHE A 102 -2.89 -35.70 10.41
N GLU A 103 -2.92 -36.16 9.17
CA GLU A 103 -3.17 -37.57 8.84
C GLU A 103 -2.07 -38.51 9.36
N LYS A 104 -0.81 -38.09 9.28
CA LYS A 104 0.31 -38.96 9.62
C LYS A 104 0.79 -38.84 11.07
N SER A 105 0.70 -37.65 11.64
CA SER A 105 1.40 -37.36 12.90
C SER A 105 0.56 -36.63 13.96
N GLY A 106 -0.70 -36.35 13.67
CA GLY A 106 -1.48 -35.45 14.51
C GLY A 106 -2.43 -36.04 15.53
N GLY A 107 -2.57 -37.36 15.56
CA GLY A 107 -3.58 -38.02 16.37
C GLY A 107 -3.59 -37.64 17.84
N ASN A 108 -2.44 -37.69 18.48
CA ASN A 108 -2.36 -37.38 19.90
C ASN A 108 -2.43 -35.88 20.18
N LEU A 109 -1.84 -35.09 19.30
CA LEU A 109 -1.95 -33.63 19.37
C LEU A 109 -3.43 -33.20 19.34
N ILE A 110 -4.19 -33.79 18.44
CA ILE A 110 -5.60 -33.49 18.29
C ILE A 110 -6.33 -33.81 19.59
N ALA A 111 -6.10 -34.98 20.18
CA ALA A 111 -6.75 -35.33 21.46
C ALA A 111 -6.37 -34.37 22.59
N TYR A 112 -5.10 -33.98 22.66
CA TYR A 112 -4.60 -33.06 23.69
C TYR A 112 -5.28 -31.71 23.57
N ALA A 113 -5.27 -31.14 22.38
CA ALA A 113 -5.85 -29.81 22.16
C ALA A 113 -7.33 -29.80 22.54
N LYS A 114 -8.05 -30.86 22.16
CA LYS A 114 -9.46 -30.97 22.50
C LYS A 114 -9.69 -31.11 24.01
N GLU A 115 -8.93 -32.00 24.64
CA GLU A 115 -9.13 -32.31 26.06
C GLU A 115 -8.76 -31.12 26.95
N LYS A 116 -7.68 -30.43 26.63
CA LYS A 116 -7.23 -29.29 27.43
C LYS A 116 -7.74 -27.95 26.90
N GLN A 117 -8.51 -27.97 25.81
CA GLN A 117 -9.06 -26.76 25.19
C GLN A 117 -7.96 -25.73 24.93
N VAL A 118 -6.90 -26.16 24.26
CA VAL A 118 -5.76 -25.30 24.01
C VAL A 118 -6.01 -24.46 22.76
N PRO A 119 -5.91 -23.13 22.90
CA PRO A 119 -6.09 -22.26 21.74
C PRO A 119 -5.05 -22.54 20.67
N VAL A 120 -5.53 -22.52 19.43
CA VAL A 120 -4.75 -22.82 18.25
C VAL A 120 -4.77 -21.58 17.36
N LEU A 121 -3.59 -21.15 16.94
CA LEU A 121 -3.43 -19.97 16.12
C LEU A 121 -2.89 -20.37 14.76
N VAL A 122 -3.69 -20.18 13.74
CA VAL A 122 -3.34 -20.56 12.38
C VAL A 122 -2.64 -19.40 11.69
N CYS A 123 -1.40 -19.63 11.28
CA CYS A 123 -0.51 -18.61 10.73
C CYS A 123 -0.16 -18.88 9.26
N THR A 124 -0.54 -20.07 8.79
CA THR A 124 -0.39 -20.50 7.40
C THR A 124 -1.32 -19.69 6.49
N LYS A 125 -0.85 -19.39 5.28
CA LYS A 125 -1.61 -18.68 4.26
C LYS A 125 -1.65 -19.49 2.96
N GLY A 126 -2.83 -19.56 2.34
CA GLY A 126 -2.99 -20.20 1.03
C GLY A 126 -4.35 -20.88 0.88
N ILE A 127 -4.49 -21.64 -0.21
CA ILE A 127 -5.67 -22.46 -0.49
C ILE A 127 -5.18 -23.83 -0.96
N GLU A 128 -5.74 -24.88 -0.39
CA GLU A 128 -5.33 -26.25 -0.66
C GLU A 128 -5.84 -26.68 -2.04
N ARG A 129 -5.00 -27.38 -2.79
CA ARG A 129 -5.29 -27.76 -4.16
C ARG A 129 -6.64 -28.50 -4.40
N SER A 130 -6.86 -29.69 -3.87
CA SER A 130 -8.07 -30.40 -4.34
C SER A 130 -9.36 -29.78 -3.75
N THR A 131 -9.26 -29.46 -2.47
CA THR A 131 -10.40 -29.14 -1.65
C THR A 131 -10.83 -27.69 -1.73
N LEU A 132 -9.95 -26.81 -2.24
CA LEU A 132 -10.17 -25.36 -2.23
C LEU A 132 -10.33 -24.78 -0.82
N LYS A 133 -9.73 -25.43 0.16
CA LYS A 133 -9.87 -25.01 1.56
C LYS A 133 -8.76 -24.06 2.06
N PHE A 134 -9.14 -23.11 2.90
CA PHE A 134 -8.16 -22.25 3.57
C PHE A 134 -7.53 -23.02 4.72
N PRO A 135 -6.35 -22.60 5.18
CA PRO A 135 -5.63 -23.38 6.19
C PRO A 135 -6.47 -23.66 7.45
N ALA A 136 -7.27 -22.70 7.93
CA ALA A 136 -8.07 -22.94 9.14
C ALA A 136 -9.20 -23.95 8.88
N GLU A 137 -9.63 -24.08 7.63
CA GLU A 137 -10.66 -25.06 7.26
C GLU A 137 -10.08 -26.46 7.16
N ILE A 138 -8.83 -26.57 6.73
CA ILE A 138 -8.13 -27.84 6.75
C ILE A 138 -8.02 -28.30 8.19
N ILE A 139 -7.50 -27.42 9.04
CA ILE A 139 -7.29 -27.74 10.44
C ILE A 139 -8.63 -28.01 11.11
N GLY A 140 -9.66 -27.29 10.70
CA GLY A 140 -11.02 -27.42 11.20
C GLY A 140 -11.68 -28.77 10.93
N GLU A 141 -11.12 -29.57 10.03
CA GLU A 141 -11.55 -30.96 9.88
C GLU A 141 -11.16 -31.80 11.09
N PHE A 142 -10.07 -31.43 11.76
CA PHE A 142 -9.52 -32.19 12.88
C PHE A 142 -9.72 -31.56 14.25
N LEU A 143 -9.88 -30.25 14.29
CA LEU A 143 -10.01 -29.51 15.56
C LEU A 143 -11.25 -28.66 15.49
N PRO A 144 -11.98 -28.54 16.60
CA PRO A 144 -13.23 -27.77 16.61
C PRO A 144 -13.00 -26.26 16.50
N SER A 145 -14.00 -25.58 15.93
CA SER A 145 -13.92 -24.17 15.59
C SER A 145 -13.67 -23.21 16.75
N PRO A 146 -14.20 -23.46 17.94
CA PRO A 146 -13.97 -22.53 19.06
C PRO A 146 -12.51 -22.47 19.50
N LEU A 147 -11.68 -23.43 19.11
CA LEU A 147 -10.25 -23.39 19.41
C LEU A 147 -9.41 -22.68 18.34
N LEU A 148 -9.99 -22.36 17.20
CA LEU A 148 -9.21 -21.85 16.07
C LEU A 148 -9.28 -20.34 15.92
N SER A 149 -8.11 -19.73 15.79
CA SER A 149 -7.99 -18.32 15.45
C SER A 149 -6.95 -18.20 14.32
N VAL A 150 -6.95 -17.06 13.65
CA VAL A 150 -6.10 -16.84 12.50
C VAL A 150 -5.24 -15.60 12.72
N LEU A 151 -3.95 -15.72 12.40
CA LEU A 151 -3.04 -14.59 12.49
C LEU A 151 -2.74 -14.11 11.09
N ALA A 152 -2.81 -12.81 10.87
CA ALA A 152 -2.66 -12.28 9.51
C ALA A 152 -2.24 -10.84 9.54
N GLY A 153 -1.21 -10.51 8.78
CA GLY A 153 -0.79 -9.15 8.65
C GLY A 153 0.52 -9.02 7.91
N PRO A 154 0.98 -7.79 7.75
CA PRO A 154 2.28 -7.55 7.12
C PRO A 154 3.40 -7.88 8.09
N SER A 155 3.97 -9.06 7.93
CA SER A 155 4.85 -9.61 8.96
C SER A 155 5.96 -10.46 8.36
N PHE A 156 6.81 -9.85 7.52
CA PHE A 156 8.00 -10.54 7.02
C PHE A 156 8.80 -11.17 8.15
N ALA A 157 9.19 -12.43 7.95
CA ALA A 157 9.82 -13.25 8.99
C ALA A 157 11.09 -12.64 9.61
N ILE A 158 11.97 -12.13 8.77
CA ILE A 158 13.24 -11.62 9.26
C ILE A 158 13.05 -10.44 10.25
N GLU A 159 12.13 -9.53 9.94
CA GLU A 159 11.81 -8.42 10.85
C GLU A 159 11.14 -8.90 12.14
N VAL A 160 10.18 -9.82 12.03
CA VAL A 160 9.56 -10.42 13.19
C VAL A 160 10.57 -11.13 14.10
N ALA A 161 11.45 -11.93 13.49
CA ALA A 161 12.37 -12.76 14.26
C ALA A 161 13.35 -11.91 15.03
N THR A 162 13.71 -10.75 14.48
CA THR A 162 14.71 -9.87 15.10
C THR A 162 14.09 -8.73 15.89
N GLY A 163 12.76 -8.74 16.03
CA GLY A 163 12.09 -7.79 16.89
C GLY A 163 11.93 -6.38 16.32
N VAL A 164 11.95 -6.25 15.01
CA VAL A 164 11.66 -4.99 14.34
C VAL A 164 10.12 -4.80 14.32
N PHE A 165 9.68 -3.57 14.61
CA PHE A 165 8.27 -3.25 14.83
C PHE A 165 7.34 -3.86 13.78
N THR A 166 6.38 -4.65 14.24
CA THR A 166 5.43 -5.35 13.38
C THR A 166 4.05 -5.29 14.01
N CYS A 167 3.03 -5.06 13.18
CA CYS A 167 1.62 -5.18 13.56
C CYS A 167 0.95 -6.31 12.79
N VAL A 168 0.14 -7.10 13.49
CA VAL A 168 -0.66 -8.14 12.85
C VAL A 168 -2.07 -8.14 13.40
N SER A 169 -2.98 -8.73 12.64
CA SER A 169 -4.34 -9.00 13.11
C SER A 169 -4.43 -10.43 13.63
N ILE A 170 -5.25 -10.61 14.67
CA ILE A 170 -5.67 -11.93 15.11
C ILE A 170 -7.19 -11.95 14.98
N ALA A 171 -7.69 -12.91 14.21
CA ALA A 171 -9.11 -13.05 13.99
C ALA A 171 -9.61 -14.30 14.68
N SER A 172 -10.73 -14.16 15.39
CA SER A 172 -11.49 -15.29 15.92
C SER A 172 -13.00 -14.94 15.95
N ALA A 173 -13.85 -15.95 15.79
CA ALA A 173 -15.29 -15.73 15.77
C ALA A 173 -15.74 -15.01 17.04
N ASP A 174 -15.14 -15.39 18.16
CA ASP A 174 -15.38 -14.75 19.43
C ASP A 174 -14.28 -13.69 19.66
N ILE A 175 -14.68 -12.42 19.68
CA ILE A 175 -13.74 -11.31 19.83
C ILE A 175 -12.94 -11.41 21.14
N ASN A 176 -13.54 -11.99 22.18
CA ASN A 176 -12.86 -12.22 23.45
C ASN A 176 -11.72 -13.21 23.35
N VAL A 177 -11.85 -14.23 22.51
CA VAL A 177 -10.73 -15.13 22.22
C VAL A 177 -9.61 -14.35 21.49
N ALA A 178 -9.96 -13.58 20.48
CA ALA A 178 -8.99 -12.79 19.75
C ALA A 178 -8.24 -11.84 20.67
N ARG A 179 -8.97 -11.23 21.61
CA ARG A 179 -8.36 -10.27 22.52
C ARG A 179 -7.43 -10.97 23.51
N ARG A 180 -7.76 -12.20 23.90
CA ARG A 180 -6.89 -12.96 24.78
C ARG A 180 -5.57 -13.34 24.08
N LEU A 181 -5.68 -13.85 22.85
CA LEU A 181 -4.53 -14.18 22.04
C LEU A 181 -3.67 -12.95 21.76
N GLN A 182 -4.32 -11.81 21.62
CA GLN A 182 -3.62 -10.54 21.42
C GLN A 182 -2.71 -10.22 22.62
N ARG A 183 -3.18 -10.51 23.83
CA ARG A 183 -2.43 -10.29 25.06
C ARG A 183 -1.27 -11.27 25.23
N ILE A 184 -1.42 -12.48 24.68
CA ILE A 184 -0.40 -13.51 24.73
C ILE A 184 0.72 -13.26 23.71
N MET A 185 0.34 -12.80 22.52
CA MET A 185 1.30 -12.65 21.41
C MET A 185 2.00 -11.32 21.40
N SER A 186 1.37 -10.27 21.93
CA SER A 186 1.96 -8.94 21.87
C SER A 186 3.06 -8.81 22.92
N THR A 187 4.10 -8.03 22.61
CA THR A 187 5.28 -7.94 23.48
C THR A 187 5.34 -6.59 24.18
N GLY A 188 5.96 -6.57 25.36
CA GLY A 188 6.00 -5.39 26.21
C GLY A 188 7.02 -4.34 25.75
N ASP A 189 8.02 -4.77 24.99
CA ASP A 189 8.91 -3.84 24.27
C ASP A 189 8.26 -3.26 22.99
N ARG A 190 6.97 -3.53 22.80
CA ARG A 190 6.16 -3.01 21.70
C ARG A 190 6.72 -3.32 20.30
N SER A 191 7.44 -4.42 20.19
CA SER A 191 8.03 -4.84 18.92
C SER A 191 7.03 -5.62 18.06
N PHE A 192 6.08 -6.29 18.71
CA PHE A 192 5.10 -7.13 18.04
C PHE A 192 3.75 -6.77 18.65
N VAL A 193 2.88 -6.19 17.84
CA VAL A 193 1.62 -5.63 18.31
C VAL A 193 0.46 -6.24 17.52
N CYS A 194 -0.51 -6.80 18.22
CA CYS A 194 -1.62 -7.50 17.61
C CYS A 194 -2.90 -6.67 17.72
N TRP A 195 -3.76 -6.80 16.72
CA TRP A 195 -5.03 -6.07 16.68
C TRP A 195 -6.14 -7.10 16.53
N ALA A 196 -7.17 -7.03 17.37
CA ALA A 196 -8.21 -8.04 17.39
C ALA A 196 -9.31 -7.79 16.35
N THR A 197 -9.85 -8.86 15.79
CA THR A 197 -10.96 -8.78 14.83
C THR A 197 -11.75 -10.10 14.80
N THR A 198 -12.96 -10.08 14.25
CA THR A 198 -13.74 -11.29 14.06
C THR A 198 -13.79 -11.73 12.60
N ASP A 199 -13.23 -10.93 11.70
CA ASP A 199 -13.33 -11.25 10.28
C ASP A 199 -12.31 -12.29 9.82
N THR A 200 -12.54 -13.54 10.22
CA THR A 200 -11.63 -14.65 9.94
C THR A 200 -11.66 -14.98 8.45
N VAL A 201 -12.84 -14.92 7.83
CA VAL A 201 -12.94 -15.17 6.40
C VAL A 201 -12.15 -14.14 5.61
N GLY A 202 -12.36 -12.86 5.92
CA GLY A 202 -11.62 -11.79 5.29
C GLY A 202 -10.11 -11.90 5.44
N CYS A 203 -9.65 -12.28 6.63
CA CYS A 203 -8.24 -12.45 6.88
C CYS A 203 -7.67 -13.55 6.00
N GLU A 204 -8.32 -14.71 5.97
CA GLU A 204 -7.76 -15.85 5.27
C GLU A 204 -7.85 -15.70 3.75
N VAL A 205 -8.91 -15.05 3.25
CA VAL A 205 -9.01 -14.78 1.83
C VAL A 205 -7.90 -13.81 1.43
N ALA A 206 -7.73 -12.75 2.20
CA ALA A 206 -6.72 -11.75 1.89
C ALA A 206 -5.34 -12.37 1.90
N SER A 207 -5.05 -13.17 2.92
CA SER A 207 -3.75 -13.84 3.04
C SER A 207 -3.44 -14.74 1.85
N ALA A 208 -4.45 -15.47 1.36
CA ALA A 208 -4.23 -16.40 0.27
C ALA A 208 -4.05 -15.66 -1.05
N VAL A 209 -4.91 -14.70 -1.31
CA VAL A 209 -4.92 -13.99 -2.58
C VAL A 209 -3.75 -13.04 -2.72
N LYS A 210 -3.33 -12.42 -1.62
CA LYS A 210 -2.24 -11.44 -1.72
C LYS A 210 -0.98 -12.12 -2.24
N ASN A 211 -0.77 -13.38 -1.90
CA ASN A 211 0.40 -14.10 -2.44
C ASN A 211 0.35 -14.27 -3.95
N VAL A 212 -0.83 -14.48 -4.51
CA VAL A 212 -0.97 -14.56 -5.96
C VAL A 212 -0.69 -13.18 -6.57
N LEU A 213 -1.29 -12.14 -5.98
CA LEU A 213 -1.09 -10.79 -6.48
C LEU A 213 0.36 -10.34 -6.42
N ALA A 214 1.08 -10.81 -5.40
CA ALA A 214 2.49 -10.50 -5.22
C ALA A 214 3.34 -11.11 -6.33
N ILE A 215 2.96 -12.28 -6.83
CA ILE A 215 3.59 -12.80 -8.03
C ILE A 215 3.43 -11.80 -9.17
N GLY A 216 2.21 -11.29 -9.35
CA GLY A 216 1.94 -10.31 -10.37
C GLY A 216 2.77 -9.04 -10.25
N SER A 217 2.94 -8.54 -9.03
CA SER A 217 3.78 -7.37 -8.79
C SER A 217 5.22 -7.65 -9.19
N GLY A 218 5.71 -8.82 -8.84
CA GLY A 218 7.02 -9.27 -9.25
C GLY A 218 7.16 -9.31 -10.76
N VAL A 219 6.14 -9.81 -11.45
CA VAL A 219 6.14 -9.85 -12.91
C VAL A 219 6.27 -8.44 -13.47
N ALA A 220 5.50 -7.50 -12.94
CA ALA A 220 5.59 -6.11 -13.36
C ALA A 220 7.02 -5.57 -13.25
N ASN A 221 7.68 -5.84 -12.12
CA ASN A 221 9.04 -5.42 -11.87
C ASN A 221 10.05 -6.06 -12.83
N GLY A 222 9.89 -7.37 -13.06
CA GLY A 222 10.75 -8.10 -13.98
C GLY A 222 10.55 -7.68 -15.42
N LEU A 223 9.36 -7.20 -15.76
CA LEU A 223 9.09 -6.63 -17.07
C LEU A 223 9.67 -5.21 -17.23
N GLY A 224 10.19 -4.63 -16.16
CA GLY A 224 10.79 -3.31 -16.21
C GLY A 224 9.83 -2.18 -15.95
N MET A 225 8.68 -2.49 -15.38
CA MET A 225 7.70 -1.48 -15.00
C MET A 225 8.15 -0.85 -13.67
N GLY A 226 7.54 0.27 -13.30
CA GLY A 226 8.00 1.07 -12.17
C GLY A 226 7.08 1.02 -10.97
N LEU A 227 7.28 1.98 -10.06
CA LEU A 227 6.52 2.03 -8.82
C LEU A 227 5.09 2.49 -8.99
N ASN A 228 4.85 3.36 -9.98
CA ASN A 228 3.49 3.81 -10.29
C ASN A 228 2.66 2.61 -10.72
N ALA A 229 3.24 1.74 -11.54
CA ALA A 229 2.56 0.53 -11.99
C ALA A 229 2.26 -0.40 -10.81
N ARG A 230 3.23 -0.56 -9.93
CA ARG A 230 3.05 -1.37 -8.73
C ARG A 230 1.88 -0.87 -7.88
N ALA A 231 1.75 0.44 -7.75
CA ALA A 231 0.71 1.04 -6.91
C ALA A 231 -0.66 0.74 -7.50
N ALA A 232 -0.75 0.81 -8.82
CA ALA A 232 -1.99 0.53 -9.53
C ALA A 232 -2.38 -0.95 -9.38
N LEU A 233 -1.40 -1.85 -9.47
CA LEU A 233 -1.64 -3.28 -9.27
C LEU A 233 -2.15 -3.56 -7.86
N ILE A 234 -1.55 -2.92 -6.85
CA ILE A 234 -1.98 -3.10 -5.48
C ILE A 234 -3.42 -2.63 -5.30
N MET A 235 -3.72 -1.46 -5.84
CA MET A 235 -5.04 -0.86 -5.71
C MET A 235 -6.12 -1.71 -6.41
N ARG A 236 -5.87 -2.11 -7.66
CA ARG A 236 -6.83 -2.93 -8.39
C ARG A 236 -6.93 -4.34 -7.80
N GLY A 237 -5.81 -4.88 -7.35
CA GLY A 237 -5.77 -6.22 -6.80
C GLY A 237 -6.61 -6.38 -5.55
N LEU A 238 -6.63 -5.33 -4.72
CA LEU A 238 -7.38 -5.36 -3.49
C LEU A 238 -8.87 -5.50 -3.77
N LEU A 239 -9.33 -5.03 -4.92
CA LEU A 239 -10.73 -5.21 -5.32
C LEU A 239 -11.08 -6.66 -5.51
N GLU A 240 -10.11 -7.46 -5.94
CA GLU A 240 -10.31 -8.89 -6.14
C GLU A 240 -10.42 -9.61 -4.80
N ILE A 241 -9.57 -9.22 -3.84
CA ILE A 241 -9.68 -9.70 -2.47
C ILE A 241 -11.05 -9.35 -1.90
N ARG A 242 -11.47 -8.11 -2.11
CA ARG A 242 -12.73 -7.59 -1.61
C ARG A 242 -13.89 -8.42 -2.17
N ASP A 243 -13.93 -8.62 -3.49
CA ASP A 243 -15.03 -9.34 -4.15
C ASP A 243 -15.12 -10.79 -3.72
N LEU A 244 -13.99 -11.46 -3.65
CA LEU A 244 -13.98 -12.85 -3.21
C LEU A 244 -14.41 -12.95 -1.76
N THR A 245 -13.99 -12.01 -0.92
CA THR A 245 -14.36 -12.01 0.49
C THR A 245 -15.89 -11.94 0.62
N ALA A 246 -16.50 -11.05 -0.17
CA ALA A 246 -17.96 -10.89 -0.17
C ALA A 246 -18.68 -12.18 -0.55
N ALA A 247 -18.18 -12.85 -1.57
CA ALA A 247 -18.78 -14.10 -2.06
C ALA A 247 -18.69 -15.22 -1.02
N LEU A 248 -17.62 -15.21 -0.21
CA LEU A 248 -17.40 -16.25 0.80
C LEU A 248 -18.05 -15.93 2.14
N GLY A 249 -18.73 -14.80 2.23
CA GLY A 249 -19.53 -14.47 3.40
C GLY A 249 -18.80 -13.73 4.50
N GLY A 250 -17.59 -13.26 4.23
CA GLY A 250 -16.89 -12.40 5.17
C GLY A 250 -17.55 -11.03 5.23
N ASP A 251 -17.41 -10.35 6.36
CA ASP A 251 -17.97 -9.01 6.49
C ASP A 251 -17.06 -7.92 5.89
N GLY A 252 -15.83 -8.29 5.54
CA GLY A 252 -14.97 -7.40 4.76
C GLY A 252 -14.17 -6.35 5.52
N SER A 253 -14.28 -6.33 6.84
CA SER A 253 -13.52 -5.37 7.64
C SER A 253 -11.99 -5.58 7.55
N ALA A 254 -11.57 -6.80 7.24
CA ALA A 254 -10.15 -7.11 7.12
C ALA A 254 -9.55 -6.68 5.78
N VAL A 255 -10.39 -6.42 4.78
CA VAL A 255 -9.90 -6.14 3.42
C VAL A 255 -8.96 -4.92 3.38
N PHE A 256 -9.36 -3.84 4.04
CA PHE A 256 -8.55 -2.63 4.10
C PHE A 256 -7.82 -2.51 5.46
N GLY A 257 -7.70 -3.64 6.16
CA GLY A 257 -6.98 -3.73 7.41
C GLY A 257 -5.65 -4.40 7.18
N LEU A 258 -5.04 -4.88 8.25
CA LEU A 258 -3.68 -5.40 8.18
C LEU A 258 -3.55 -6.64 7.29
N ALA A 259 -4.56 -7.51 7.34
CA ALA A 259 -4.54 -8.77 6.59
C ALA A 259 -4.64 -8.55 5.09
N GLY A 260 -5.41 -7.54 4.69
CA GLY A 260 -5.59 -7.25 3.30
C GLY A 260 -4.63 -6.20 2.80
N LEU A 261 -5.05 -4.94 2.86
CA LEU A 261 -4.25 -3.82 2.41
C LEU A 261 -2.81 -3.87 2.93
N GLY A 262 -2.65 -4.10 4.23
CA GLY A 262 -1.33 -4.09 4.85
C GLY A 262 -0.40 -5.13 4.27
N ASP A 263 -0.85 -6.38 4.31
CA ASP A 263 -0.03 -7.50 3.89
C ASP A 263 0.19 -7.48 2.36
N LEU A 264 -0.83 -7.09 1.62
CA LEU A 264 -0.72 -7.00 0.16
C LEU A 264 0.33 -5.96 -0.23
N GLN A 265 0.20 -4.78 0.33
CA GLN A 265 1.12 -3.71 -0.02
C GLN A 265 2.55 -4.10 0.34
N LEU A 266 2.72 -4.80 1.46
CA LEU A 266 4.05 -5.21 1.90
C LEU A 266 4.69 -6.21 0.92
N THR A 267 3.94 -7.26 0.63
CA THR A 267 4.39 -8.40 -0.15
C THR A 267 4.62 -8.03 -1.61
N CYS A 268 3.84 -7.09 -2.11
CA CYS A 268 3.96 -6.65 -3.49
C CYS A 268 5.13 -5.69 -3.70
N SER A 269 5.79 -5.29 -2.61
CA SER A 269 6.73 -4.17 -2.66
C SER A 269 8.15 -4.52 -2.27
N SER A 270 8.43 -5.81 -2.10
CA SER A 270 9.74 -6.25 -1.65
C SER A 270 10.13 -7.65 -2.15
N GLU A 271 11.38 -7.73 -2.56
CA GLU A 271 12.03 -8.98 -2.93
C GLU A 271 12.22 -9.94 -1.73
N LEU A 272 12.00 -9.46 -0.50
CA LEU A 272 11.90 -10.33 0.67
C LEU A 272 10.71 -11.31 0.54
N SER A 273 9.70 -10.92 -0.24
CA SER A 273 8.61 -11.83 -0.58
C SER A 273 9.08 -12.92 -1.55
N ARG A 274 8.87 -14.18 -1.18
CA ARG A 274 9.16 -15.34 -2.03
C ARG A 274 8.30 -15.27 -3.30
N ASN A 275 7.05 -14.85 -3.13
CA ASN A 275 6.11 -14.75 -4.23
C ASN A 275 6.46 -13.62 -5.20
N PHE A 276 6.86 -12.45 -4.67
CA PHE A 276 7.39 -11.36 -5.49
C PHE A 276 8.55 -11.86 -6.32
N THR A 277 9.45 -12.62 -5.68
CA THR A 277 10.67 -13.08 -6.30
C THR A 277 10.36 -14.07 -7.46
N VAL A 278 9.39 -14.96 -7.26
CA VAL A 278 8.95 -15.89 -8.31
C VAL A 278 8.46 -15.07 -9.51
N GLY A 279 7.58 -14.11 -9.24
CA GLY A 279 7.10 -13.18 -10.24
C GLY A 279 8.19 -12.47 -11.02
N LYS A 280 9.18 -11.93 -10.30
CA LYS A 280 10.28 -11.22 -10.93
C LYS A 280 11.01 -12.13 -11.92
N LYS A 281 11.32 -13.35 -11.50
CA LYS A 281 11.99 -14.31 -12.36
C LYS A 281 11.12 -14.67 -13.57
N LEU A 282 9.82 -14.85 -13.36
CA LEU A 282 8.88 -15.10 -14.48
C LEU A 282 8.87 -13.91 -15.45
N GLY A 283 8.88 -12.69 -14.91
CA GLY A 283 8.89 -11.49 -15.73
C GLY A 283 10.18 -11.34 -16.52
N LYS A 284 11.28 -11.83 -15.96
CA LYS A 284 12.59 -11.78 -16.61
C LYS A 284 12.75 -12.88 -17.68
N GLY A 285 11.85 -13.84 -17.71
CA GLY A 285 11.80 -14.84 -18.78
C GLY A 285 12.05 -16.29 -18.37
N LEU A 286 12.32 -16.54 -17.10
CA LEU A 286 12.53 -17.90 -16.61
C LEU A 286 11.22 -18.69 -16.55
N PRO A 287 11.25 -19.96 -16.96
CA PRO A 287 10.08 -20.83 -16.85
C PRO A 287 9.81 -21.25 -15.40
N ILE A 288 8.55 -21.51 -15.08
CA ILE A 288 8.19 -21.86 -13.71
C ILE A 288 8.92 -23.11 -13.19
N GLU A 289 9.18 -24.08 -14.08
CA GLU A 289 9.83 -25.34 -13.68
C GLU A 289 11.27 -25.12 -13.18
N GLU A 290 12.02 -24.21 -13.83
CA GLU A 290 13.35 -23.83 -13.35
C GLU A 290 13.29 -23.06 -12.04
N ILE A 291 12.29 -22.20 -11.87
CA ILE A 291 12.12 -21.45 -10.62
C ILE A 291 11.95 -22.41 -9.46
N GLN A 292 11.06 -23.38 -9.63
CA GLN A 292 10.63 -24.26 -8.54
C GLN A 292 11.72 -25.25 -8.12
N ARG A 293 12.58 -25.64 -9.06
CA ARG A 293 13.65 -26.61 -8.77
C ARG A 293 14.84 -25.97 -8.04
N THR A 294 15.05 -24.67 -8.22
CA THR A 294 16.12 -23.95 -7.51
C THR A 294 15.60 -23.19 -6.26
N SER A 295 14.32 -23.40 -5.92
CA SER A 295 13.70 -22.68 -4.79
C SER A 295 14.00 -23.35 -3.46
N LYS A 296 14.39 -22.54 -2.48
CA LYS A 296 14.75 -23.02 -1.14
C LYS A 296 13.68 -22.66 -0.08
N ALA A 297 12.67 -21.90 -0.50
CA ALA A 297 11.58 -21.49 0.37
C ALA A 297 10.25 -21.59 -0.37
N VAL A 298 9.17 -21.80 0.38
CA VAL A 298 7.84 -21.95 -0.20
C VAL A 298 7.32 -20.61 -0.72
N ALA A 299 6.78 -20.64 -1.94
CA ALA A 299 6.04 -19.53 -2.52
C ALA A 299 4.57 -19.98 -2.61
N GLU A 300 3.79 -19.66 -1.58
CA GLU A 300 2.42 -20.16 -1.46
C GLU A 300 1.51 -19.77 -2.63
N GLY A 301 1.80 -18.62 -3.24
CA GLY A 301 1.04 -18.13 -4.37
C GLY A 301 1.04 -19.06 -5.59
N VAL A 302 2.13 -19.78 -5.78
CA VAL A 302 2.26 -20.67 -6.94
C VAL A 302 1.19 -21.76 -6.86
N ALA A 303 1.17 -22.50 -5.75
CA ALA A 303 0.21 -23.57 -5.56
C ALA A 303 -1.21 -23.05 -5.36
N THR A 304 -1.35 -21.86 -4.76
CA THR A 304 -2.67 -21.29 -4.49
C THR A 304 -3.40 -20.84 -5.76
N ALA A 305 -2.63 -20.39 -6.74
CA ALA A 305 -3.21 -19.75 -7.90
C ALA A 305 -4.21 -20.66 -8.62
N ASP A 306 -3.92 -21.96 -8.66
CA ASP A 306 -4.83 -22.94 -9.29
C ASP A 306 -6.19 -23.09 -8.57
N PRO A 307 -6.20 -23.52 -7.31
CA PRO A 307 -7.47 -23.61 -6.58
C PRO A 307 -8.18 -22.26 -6.45
N LEU A 308 -7.41 -21.17 -6.41
CA LEU A 308 -8.01 -19.84 -6.32
C LEU A 308 -8.88 -19.59 -7.55
N MET A 309 -8.35 -19.89 -8.74
CA MET A 309 -9.12 -19.73 -9.98
C MET A 309 -10.36 -20.62 -9.97
N ARG A 310 -10.23 -21.85 -9.47
CA ARG A 310 -11.35 -22.79 -9.47
C ARG A 310 -12.45 -22.32 -8.52
N LEU A 311 -12.05 -21.77 -7.37
CA LEU A 311 -12.98 -21.27 -6.39
C LEU A 311 -13.70 -20.01 -6.89
N ALA A 312 -12.96 -19.13 -7.55
CA ALA A 312 -13.53 -17.91 -8.10
C ALA A 312 -14.54 -18.25 -9.19
N LYS A 313 -14.20 -19.21 -10.05
CA LYS A 313 -15.10 -19.69 -11.10
C LYS A 313 -16.39 -20.23 -10.48
N GLN A 314 -16.23 -21.11 -9.50
CA GLN A 314 -17.33 -21.69 -8.73
C GLN A 314 -18.25 -20.62 -8.14
N LEU A 315 -17.67 -19.52 -7.66
CA LEU A 315 -18.44 -18.45 -7.04
C LEU A 315 -18.84 -17.32 -8.02
N LYS A 316 -18.43 -17.42 -9.28
CA LYS A 316 -18.64 -16.37 -10.29
C LYS A 316 -18.05 -15.00 -9.88
N VAL A 317 -16.88 -15.02 -9.25
CA VAL A 317 -16.14 -13.81 -8.91
C VAL A 317 -15.08 -13.59 -9.98
N LYS A 318 -15.12 -12.42 -10.63
CA LYS A 318 -14.08 -12.03 -11.58
C LYS A 318 -12.85 -11.52 -10.82
N MET A 319 -11.69 -12.05 -11.19
CA MET A 319 -10.42 -11.68 -10.59
C MET A 319 -9.43 -11.52 -11.75
N PRO A 320 -9.54 -10.41 -12.49
CA PRO A 320 -8.73 -10.24 -13.71
C PRO A 320 -7.21 -10.37 -13.53
N LEU A 321 -6.63 -9.78 -12.48
CA LEU A 321 -5.19 -9.92 -12.25
C LEU A 321 -4.82 -11.35 -11.86
N CYS A 322 -5.54 -11.93 -10.90
CA CYS A 322 -5.25 -13.30 -10.47
C CYS A 322 -5.43 -14.26 -11.65
N HIS A 323 -6.37 -13.97 -12.55
CA HIS A 323 -6.56 -14.85 -13.71
C HIS A 323 -5.32 -14.84 -14.58
N GLN A 324 -4.83 -13.65 -14.93
CA GLN A 324 -3.63 -13.55 -15.76
C GLN A 324 -2.41 -14.14 -15.09
N ILE A 325 -2.30 -13.98 -13.78
CA ILE A 325 -1.17 -14.53 -13.05
C ILE A 325 -1.22 -16.05 -13.10
N TYR A 326 -2.41 -16.61 -12.91
CA TYR A 326 -2.62 -18.06 -13.04
C TYR A 326 -2.18 -18.57 -14.43
N GLU A 327 -2.52 -17.81 -15.47
CA GLU A 327 -2.15 -18.18 -16.84
C GLU A 327 -0.64 -18.21 -17.05
N ILE A 328 0.06 -17.23 -16.48
CA ILE A 328 1.52 -17.17 -16.55
C ILE A 328 2.12 -18.35 -15.81
N VAL A 329 1.63 -18.63 -14.62
CA VAL A 329 2.23 -19.66 -13.76
C VAL A 329 1.94 -21.07 -14.26
N TYR A 330 0.71 -21.34 -14.72
CA TYR A 330 0.26 -22.69 -15.07
C TYR A 330 0.14 -23.00 -16.55
N LYS A 331 -0.12 -21.98 -17.37
CA LYS A 331 -0.42 -22.19 -18.79
C LYS A 331 0.60 -21.56 -19.72
N LYS A 332 1.81 -21.31 -19.23
CA LYS A 332 2.92 -20.86 -20.07
C LYS A 332 2.66 -19.53 -20.79
N LYS A 333 1.69 -18.76 -20.31
CA LYS A 333 1.34 -17.51 -20.96
C LYS A 333 2.51 -16.51 -20.85
N ASN A 334 2.89 -15.93 -21.99
CA ASN A 334 3.93 -14.89 -22.05
C ASN A 334 3.49 -13.71 -21.16
N PRO A 335 4.30 -13.31 -20.19
CA PRO A 335 3.95 -12.16 -19.34
C PRO A 335 3.55 -10.92 -20.13
N ARG A 336 4.20 -10.65 -21.24
CA ARG A 336 3.84 -9.52 -22.09
C ARG A 336 2.45 -9.67 -22.70
N ASP A 337 2.08 -10.88 -23.11
CA ASP A 337 0.71 -11.13 -23.58
C ASP A 337 -0.31 -10.92 -22.46
N ALA A 338 0.00 -11.40 -21.26
CA ALA A 338 -0.87 -11.19 -20.09
C ALA A 338 -1.11 -9.72 -19.83
N LEU A 339 -0.04 -8.92 -19.94
CA LEU A 339 -0.11 -7.46 -19.71
C LEU A 339 -1.01 -6.82 -20.76
N ALA A 340 -0.82 -7.20 -22.02
CA ALA A 340 -1.61 -6.66 -23.12
C ALA A 340 -3.10 -6.94 -22.92
N ASP A 341 -3.42 -8.18 -22.56
CA ASP A 341 -4.82 -8.58 -22.35
C ASP A 341 -5.45 -7.82 -21.20
N LEU A 342 -4.68 -7.61 -20.13
CA LEU A 342 -5.11 -6.76 -19.01
C LEU A 342 -5.42 -5.33 -19.46
N LEU A 343 -4.56 -4.75 -20.29
CA LEU A 343 -4.68 -3.33 -20.67
C LEU A 343 -5.58 -3.07 -21.89
N SER A 344 -6.30 -4.09 -22.35
CA SER A 344 -7.14 -3.96 -23.54
C SER A 344 -8.59 -3.56 -23.24
N CYS A 345 -8.87 -3.19 -21.99
CA CYS A 345 -10.24 -2.94 -21.55
C CYS A 345 -10.86 -1.61 -22.02
N GLY A 346 -10.04 -0.65 -22.43
CA GLY A 346 -10.55 0.67 -22.77
C GLY A 346 -10.78 1.51 -21.52
N LEU A 347 -11.08 2.80 -21.71
CA LEU A 347 -11.13 3.74 -20.60
C LEU A 347 -12.38 3.53 -19.74
N GLN A 348 -12.20 3.51 -18.42
CA GLN A 348 -13.32 3.31 -17.50
C GLN A 348 -13.37 4.27 -16.32
N ASP A 349 -14.49 4.20 -15.60
CA ASP A 349 -14.61 4.84 -14.31
C ASP A 349 -13.80 4.04 -13.29
N GLU A 350 -13.37 4.70 -12.23
CA GLU A 350 -12.69 4.02 -11.13
C GLU A 350 -13.68 3.01 -10.55
N GLY A 351 -14.89 3.46 -10.30
CA GLY A 351 -16.01 2.57 -10.07
C GLY A 351 -16.07 1.93 -8.70
N LEU A 352 -15.40 2.54 -7.72
CA LEU A 352 -15.51 2.10 -6.33
C LEU A 352 -16.80 2.67 -5.74
N PRO A 353 -17.49 1.90 -4.90
CA PRO A 353 -18.72 2.39 -4.27
C PRO A 353 -18.42 3.43 -3.20
N PRO A 354 -19.34 4.36 -2.95
CA PRO A 354 -19.17 5.30 -1.85
C PRO A 354 -19.14 4.60 -0.50
N LEU A 355 -18.42 5.17 0.46
CA LEU A 355 -18.42 4.69 1.83
C LEU A 355 -19.44 5.45 2.68
N PHE A 356 -19.72 6.69 2.27
CA PHE A 356 -20.66 7.57 2.99
C PHE A 356 -21.61 8.28 2.01
N LYS A 357 -22.63 8.92 2.57
CA LYS A 357 -23.53 9.78 1.80
C LYS A 357 -22.93 11.18 1.63
N LYS B 9 -17.21 6.04 -24.49
CA LYS B 9 -16.16 6.53 -25.44
C LYS B 9 -14.76 6.23 -24.89
N ASP B 10 -14.18 5.14 -25.38
CA ASP B 10 -12.81 4.76 -25.03
C ASP B 10 -11.80 5.33 -26.05
N GLU B 11 -12.24 6.25 -26.92
CA GLU B 11 -11.39 6.84 -27.96
C GLU B 11 -10.82 8.19 -27.52
N LEU B 12 -9.55 8.38 -27.82
CA LEU B 12 -8.78 9.48 -27.29
C LEU B 12 -9.10 10.77 -28.02
N LEU B 13 -8.93 11.87 -27.30
CA LEU B 13 -9.05 13.21 -27.85
C LEU B 13 -7.69 13.84 -27.92
N TYR B 14 -7.51 14.70 -28.92
CA TYR B 14 -6.27 15.41 -29.16
C TYR B 14 -6.56 16.90 -29.25
N LEU B 15 -5.61 17.73 -28.86
CA LEU B 15 -5.79 19.16 -28.84
C LEU B 15 -4.75 19.86 -29.71
N ASN B 16 -5.04 21.09 -30.06
CA ASN B 16 -4.06 21.98 -30.65
C ASN B 16 -3.06 22.47 -29.64
N LYS B 17 -3.52 22.91 -28.49
CA LYS B 17 -2.62 23.47 -27.49
C LYS B 17 -3.06 23.20 -26.06
N ALA B 18 -2.07 22.95 -25.20
CA ALA B 18 -2.27 22.91 -23.77
C ALA B 18 -1.31 23.86 -23.09
N VAL B 19 -1.71 24.39 -21.93
CA VAL B 19 -0.82 25.19 -21.11
C VAL B 19 -0.71 24.56 -19.73
N VAL B 20 0.52 24.53 -19.22
CA VAL B 20 0.79 24.03 -17.89
C VAL B 20 1.41 25.17 -17.07
N PHE B 21 0.67 25.66 -16.09
CA PHE B 21 1.22 26.58 -15.11
C PHE B 21 1.82 25.75 -13.99
N GLY B 22 3.14 25.57 -14.07
CA GLY B 22 3.85 24.70 -13.15
C GLY B 22 5.08 24.13 -13.82
N SER B 23 6.23 24.68 -13.46
CA SER B 23 7.49 24.38 -14.14
C SER B 23 8.33 23.42 -13.35
N GLY B 24 7.76 22.85 -12.29
CA GLY B 24 8.46 21.89 -11.45
C GLY B 24 8.53 20.50 -12.09
N ALA B 25 8.95 19.53 -11.30
CA ALA B 25 9.08 18.17 -11.77
C ALA B 25 7.76 17.67 -12.36
N PHE B 26 6.66 17.89 -11.64
CA PHE B 26 5.40 17.29 -12.05
C PHE B 26 4.73 18.04 -13.18
N GLY B 27 4.83 19.37 -13.17
CA GLY B 27 4.31 20.14 -14.27
C GLY B 27 5.03 19.79 -15.57
N THR B 28 6.33 19.59 -15.48
CA THR B 28 7.11 19.19 -16.63
C THR B 28 6.72 17.77 -17.09
N ALA B 29 6.53 16.86 -16.15
CA ALA B 29 6.15 15.48 -16.47
C ALA B 29 4.80 15.43 -17.19
N LEU B 30 3.86 16.23 -16.71
CA LEU B 30 2.54 16.31 -17.34
C LEU B 30 2.58 17.03 -18.69
N ALA B 31 3.50 17.98 -18.88
CA ALA B 31 3.75 18.55 -20.20
C ALA B 31 4.25 17.45 -21.16
N MET B 32 5.07 16.53 -20.67
CA MET B 32 5.56 15.41 -21.49
C MET B 32 4.42 14.50 -21.90
N VAL B 33 3.46 14.26 -20.99
CA VAL B 33 2.27 13.50 -21.34
C VAL B 33 1.47 14.24 -22.41
N LEU B 34 1.21 15.51 -22.15
CA LEU B 34 0.44 16.32 -23.08
C LEU B 34 1.13 16.49 -24.42
N SER B 35 2.47 16.43 -24.47
CA SER B 35 3.16 16.54 -25.77
C SER B 35 2.74 15.43 -26.75
N LYS B 36 2.29 14.29 -26.22
CA LYS B 36 1.82 13.18 -27.04
C LYS B 36 0.40 13.41 -27.52
N LYS B 37 -0.32 14.33 -26.87
CA LYS B 37 -1.73 14.54 -27.14
C LYS B 37 -2.04 15.87 -27.85
N CYS B 38 -1.10 16.81 -27.83
CA CYS B 38 -1.33 18.18 -28.28
C CYS B 38 -0.27 18.59 -29.31
N ARG B 39 -0.63 19.44 -30.26
CA ARG B 39 0.38 19.87 -31.22
C ARG B 39 1.45 20.69 -30.53
N GLU B 40 1.05 21.48 -29.55
CA GLU B 40 1.92 22.43 -28.87
C GLU B 40 1.58 22.42 -27.36
N VAL B 41 2.61 22.47 -26.53
CA VAL B 41 2.44 22.56 -25.08
C VAL B 41 3.32 23.69 -24.60
N CYS B 42 2.73 24.63 -23.87
CA CYS B 42 3.46 25.71 -23.22
C CYS B 42 3.51 25.50 -21.73
N VAL B 43 4.68 25.68 -21.14
CA VAL B 43 4.88 25.59 -19.70
C VAL B 43 5.33 26.93 -19.15
N TRP B 44 4.60 27.48 -18.18
CA TRP B 44 4.95 28.76 -17.60
C TRP B 44 5.87 28.60 -16.37
N HIS B 45 6.96 29.35 -16.39
CA HIS B 45 7.91 29.46 -15.29
C HIS B 45 8.15 30.95 -15.00
N MET B 46 8.36 31.30 -13.74
CA MET B 46 8.39 32.71 -13.32
C MET B 46 9.63 33.54 -13.73
N ASN B 47 10.74 32.88 -14.05
CA ASN B 47 12.03 33.56 -14.24
C ASN B 47 12.53 33.43 -15.68
N GLU B 48 12.69 34.56 -16.38
CA GLU B 48 12.97 34.58 -17.83
C GLU B 48 14.33 34.01 -18.21
N GLU B 49 15.35 34.29 -17.41
CA GLU B 49 16.69 33.77 -17.66
C GLU B 49 16.69 32.24 -17.57
N GLU B 50 15.94 31.72 -16.60
CA GLU B 50 15.82 30.28 -16.38
C GLU B 50 15.02 29.61 -17.50
N VAL B 51 14.00 30.30 -17.98
CA VAL B 51 13.25 29.89 -19.15
C VAL B 51 14.16 29.72 -20.38
N ARG B 52 15.01 30.72 -20.62
CA ARG B 52 15.91 30.65 -21.78
C ARG B 52 16.87 29.47 -21.67
N LEU B 53 17.36 29.22 -20.47
CA LEU B 53 18.26 28.10 -20.22
C LEU B 53 17.55 26.76 -20.54
N VAL B 54 16.32 26.60 -20.04
CA VAL B 54 15.58 25.36 -20.24
C VAL B 54 15.28 25.12 -21.72
N ASN B 55 14.86 26.17 -22.42
CA ASN B 55 14.58 26.06 -23.84
C ASN B 55 15.83 25.73 -24.66
N GLU B 56 16.96 26.32 -24.29
CA GLU B 56 18.23 26.13 -25.01
C GLU B 56 18.72 24.68 -24.83
N LYS B 57 18.64 24.20 -23.60
CA LYS B 57 19.11 22.86 -23.24
C LYS B 57 18.12 21.75 -23.59
N ARG B 58 16.89 22.11 -23.95
CA ARG B 58 15.83 21.13 -24.19
C ARG B 58 15.76 20.13 -23.03
N GLU B 59 15.78 20.68 -21.82
CA GLU B 59 15.82 19.89 -20.61
C GLU B 59 15.55 20.86 -19.47
N ASN B 60 14.59 20.52 -18.60
CA ASN B 60 14.34 21.29 -17.39
C ASN B 60 15.45 20.97 -16.39
N VAL B 61 16.56 21.66 -16.54
CA VAL B 61 17.73 21.44 -15.71
C VAL B 61 17.52 21.99 -14.29
N LEU B 62 16.46 22.76 -14.09
CA LEU B 62 16.11 23.25 -12.76
C LEU B 62 15.44 22.18 -11.89
N PHE B 63 14.42 21.52 -12.43
CA PHE B 63 13.48 20.70 -11.65
C PHE B 63 13.25 19.26 -12.13
N LEU B 64 13.70 18.91 -13.34
CA LEU B 64 13.57 17.54 -13.87
C LEU B 64 14.80 17.19 -14.73
N LYS B 65 15.95 17.17 -14.08
CA LYS B 65 17.23 16.86 -14.73
C LYS B 65 17.24 15.47 -15.35
N GLY B 66 17.83 15.38 -16.53
CA GLY B 66 18.09 14.13 -17.20
C GLY B 66 17.01 13.72 -18.17
N VAL B 67 15.95 14.52 -18.29
CA VAL B 67 14.83 14.21 -19.17
C VAL B 67 14.78 15.22 -20.30
N GLN B 68 15.06 14.76 -21.51
CA GLN B 68 14.95 15.60 -22.70
C GLN B 68 13.49 15.91 -23.00
N LEU B 69 13.20 17.20 -23.12
CA LEU B 69 11.90 17.69 -23.48
C LEU B 69 11.57 17.37 -24.94
N ALA B 70 10.31 17.05 -25.18
CA ALA B 70 9.80 16.93 -26.54
C ALA B 70 9.91 18.28 -27.24
N SER B 71 10.06 18.26 -28.55
CA SER B 71 10.23 19.48 -29.34
C SER B 71 9.03 20.41 -29.26
N ASN B 72 7.84 19.85 -29.08
CA ASN B 72 6.62 20.65 -29.06
C ASN B 72 6.28 21.21 -27.66
N ILE B 73 7.23 21.14 -26.73
CA ILE B 73 7.11 21.78 -25.41
C ILE B 73 8.02 23.00 -25.43
N THR B 74 7.45 24.16 -25.09
CA THR B 74 8.22 25.39 -24.96
C THR B 74 7.93 26.04 -23.61
N PHE B 75 8.99 26.48 -22.91
CA PHE B 75 8.83 27.23 -21.67
C PHE B 75 8.74 28.72 -21.98
N THR B 76 8.01 29.43 -21.13
CA THR B 76 7.89 30.89 -21.25
C THR B 76 7.66 31.50 -19.86
N SER B 77 8.01 32.77 -19.70
CA SER B 77 7.72 33.50 -18.45
C SER B 77 6.58 34.47 -18.64
N ASP B 78 6.00 34.44 -19.83
CA ASP B 78 4.92 35.33 -20.21
C ASP B 78 3.61 34.58 -20.07
N VAL B 79 2.80 34.99 -19.09
CA VAL B 79 1.56 34.28 -18.77
C VAL B 79 0.62 34.26 -19.97
N GLU B 80 0.57 35.37 -20.69
CA GLU B 80 -0.39 35.53 -21.78
C GLU B 80 -0.01 34.74 -23.02
N LYS B 81 1.28 34.73 -23.36
CA LYS B 81 1.78 33.85 -24.42
C LYS B 81 1.49 32.38 -24.04
N ALA B 82 1.67 32.04 -22.78
CA ALA B 82 1.44 30.67 -22.31
C ALA B 82 -0.01 30.21 -22.55
N TYR B 83 -0.99 30.99 -22.11
CA TYR B 83 -2.39 30.51 -22.19
C TYR B 83 -3.08 30.75 -23.51
N ASN B 84 -2.53 31.61 -24.36
CA ASN B 84 -3.22 32.02 -25.58
C ASN B 84 -3.46 30.84 -26.48
N GLY B 85 -4.73 30.60 -26.81
CA GLY B 85 -5.11 29.51 -27.67
C GLY B 85 -5.15 28.15 -26.96
N ALA B 86 -4.78 28.12 -25.67
CA ALA B 86 -4.85 26.85 -24.93
C ALA B 86 -6.28 26.33 -24.83
N GLU B 87 -6.42 25.02 -24.99
CA GLU B 87 -7.71 24.34 -24.91
C GLU B 87 -7.84 23.48 -23.63
N ILE B 88 -6.75 23.40 -22.86
CA ILE B 88 -6.81 22.90 -21.49
C ILE B 88 -5.74 23.65 -20.71
N ILE B 89 -6.02 23.89 -19.42
CA ILE B 89 -5.13 24.57 -18.50
C ILE B 89 -4.86 23.66 -17.32
N LEU B 90 -3.60 23.45 -16.98
CA LEU B 90 -3.22 22.64 -15.84
C LEU B 90 -2.55 23.54 -14.83
N PHE B 91 -2.94 23.39 -13.56
CA PHE B 91 -2.25 24.05 -12.47
C PHE B 91 -1.45 23.04 -11.66
N VAL B 92 -0.15 23.29 -11.58
CA VAL B 92 0.78 22.42 -10.89
C VAL B 92 1.76 23.29 -10.11
N ILE B 93 1.28 24.47 -9.69
CA ILE B 93 2.04 25.36 -8.82
C ILE B 93 1.83 24.85 -7.39
N PRO B 94 2.90 24.75 -6.60
CA PRO B 94 2.77 24.26 -5.23
C PRO B 94 1.75 25.08 -4.40
N THR B 95 1.06 24.38 -3.51
CA THR B 95 -0.07 24.93 -2.77
C THR B 95 0.14 26.32 -2.17
N GLN B 96 1.26 26.55 -1.50
CA GLN B 96 1.47 27.80 -0.77
C GLN B 96 1.87 28.96 -1.69
N PHE B 97 2.09 28.66 -2.98
CA PHE B 97 2.39 29.69 -3.96
C PHE B 97 1.24 29.95 -4.94
N LEU B 98 0.16 29.18 -4.86
CA LEU B 98 -0.97 29.30 -5.79
C LEU B 98 -1.65 30.65 -5.72
N ARG B 99 -1.98 31.08 -4.52
CA ARG B 99 -2.70 32.34 -4.31
C ARG B 99 -1.90 33.51 -4.86
N GLY B 100 -0.61 33.58 -4.52
CA GLY B 100 0.26 34.62 -5.01
C GLY B 100 0.28 34.70 -6.52
N PHE B 101 0.28 33.56 -7.20
CA PHE B 101 0.27 33.55 -8.65
C PHE B 101 -0.99 34.24 -9.20
N PHE B 102 -2.16 33.90 -8.66
CA PHE B 102 -3.39 34.52 -9.15
C PHE B 102 -3.43 36.02 -8.81
N GLU B 103 -3.00 36.39 -7.60
CA GLU B 103 -2.99 37.80 -7.19
C GLU B 103 -2.08 38.65 -8.09
N LYS B 104 -0.90 38.11 -8.42
CA LYS B 104 0.12 38.85 -9.15
C LYS B 104 -0.06 38.78 -10.67
N SER B 105 -0.38 37.59 -11.19
CA SER B 105 -0.29 37.33 -12.63
C SER B 105 -1.52 36.74 -13.31
N GLY B 106 -2.63 36.62 -12.59
CA GLY B 106 -3.74 35.82 -13.07
C GLY B 106 -4.92 36.51 -13.72
N GLY B 107 -5.00 37.83 -13.64
CA GLY B 107 -6.18 38.56 -14.10
C GLY B 107 -6.66 38.22 -15.52
N ASN B 108 -5.75 38.32 -16.46
CA ASN B 108 -6.09 38.09 -17.85
C ASN B 108 -6.27 36.61 -18.15
N LEU B 109 -5.54 35.76 -17.43
CA LEU B 109 -5.77 34.30 -17.52
C LEU B 109 -7.21 33.96 -17.13
N ILE B 110 -7.68 34.56 -16.04
CA ILE B 110 -9.03 34.31 -15.53
C ILE B 110 -10.08 34.67 -16.56
N ALA B 111 -9.95 35.86 -17.14
CA ALA B 111 -10.88 36.32 -18.17
C ALA B 111 -10.83 35.38 -19.38
N TYR B 112 -9.64 34.95 -19.78
CA TYR B 112 -9.53 34.00 -20.89
C TYR B 112 -10.27 32.68 -20.59
N ALA B 113 -9.93 32.07 -19.46
CA ALA B 113 -10.55 30.78 -19.09
C ALA B 113 -12.07 30.87 -19.04
N LYS B 114 -12.58 31.96 -18.46
CA LYS B 114 -14.03 32.21 -18.39
C LYS B 114 -14.67 32.40 -19.77
N GLU B 115 -14.08 33.28 -20.59
CA GLU B 115 -14.50 33.56 -21.98
C GLU B 115 -14.70 32.27 -22.77
N LYS B 116 -13.62 31.48 -22.84
CA LYS B 116 -13.56 30.28 -23.70
C LYS B 116 -13.92 28.98 -22.94
N GLN B 117 -14.34 29.11 -21.69
CA GLN B 117 -14.79 27.97 -20.88
C GLN B 117 -13.78 26.81 -20.98
N VAL B 118 -12.52 27.15 -20.73
CA VAL B 118 -11.41 26.21 -20.89
C VAL B 118 -11.36 25.32 -19.65
N PRO B 119 -11.39 24.00 -19.82
CA PRO B 119 -11.24 23.08 -18.68
C PRO B 119 -9.94 23.32 -17.94
N VAL B 120 -10.02 23.33 -16.61
CA VAL B 120 -8.88 23.51 -15.75
C VAL B 120 -8.69 22.22 -14.95
N LEU B 121 -7.47 21.71 -14.92
CA LEU B 121 -7.14 20.48 -14.23
C LEU B 121 -6.13 20.80 -13.14
N VAL B 122 -6.54 20.59 -11.90
CA VAL B 122 -5.75 20.94 -10.74
C VAL B 122 -4.96 19.70 -10.34
N CYS B 123 -3.64 19.82 -10.37
CA CYS B 123 -2.73 18.72 -10.11
C CYS B 123 -1.92 18.94 -8.83
N THR B 124 -2.09 20.12 -8.24
CA THR B 124 -1.46 20.49 -6.99
C THR B 124 -2.09 19.71 -5.84
N LYS B 125 -1.27 19.37 -4.84
CA LYS B 125 -1.72 18.66 -3.64
C LYS B 125 -1.28 19.43 -2.40
N GLY B 126 -2.18 19.56 -1.42
CA GLY B 126 -1.88 20.19 -0.14
C GLY B 126 -3.04 20.95 0.47
N ILE B 127 -2.77 21.63 1.59
CA ILE B 127 -3.72 22.52 2.25
C ILE B 127 -3.02 23.87 2.52
N GLU B 128 -3.68 24.96 2.15
CA GLU B 128 -3.10 26.30 2.32
C GLU B 128 -3.03 26.73 3.79
N ARG B 129 -1.90 27.31 4.15
CA ARG B 129 -1.61 27.65 5.54
C ARG B 129 -2.75 28.34 6.29
N SER B 130 -3.23 29.49 5.89
CA SER B 130 -4.13 30.16 6.86
C SER B 130 -5.61 29.87 6.64
N THR B 131 -5.96 29.69 5.37
CA THR B 131 -7.35 29.52 4.94
C THR B 131 -7.86 28.10 5.12
N LEU B 132 -6.93 27.15 5.25
CA LEU B 132 -7.21 25.71 5.31
C LEU B 132 -7.88 25.17 4.04
N LYS B 133 -7.65 25.84 2.91
CA LYS B 133 -8.25 25.46 1.64
C LYS B 133 -7.39 24.48 0.84
N PHE B 134 -8.05 23.56 0.16
CA PHE B 134 -7.39 22.68 -0.80
C PHE B 134 -7.11 23.45 -2.09
N PRO B 135 -6.18 22.98 -2.92
CA PRO B 135 -5.78 23.73 -4.11
C PRO B 135 -6.93 24.14 -5.02
N ALA B 136 -7.87 23.24 -5.27
CA ALA B 136 -8.99 23.58 -6.13
C ALA B 136 -9.89 24.67 -5.51
N GLU B 137 -9.94 24.73 -4.19
CA GLU B 137 -10.69 25.76 -3.49
C GLU B 137 -9.98 27.11 -3.59
N ILE B 138 -8.65 27.12 -3.52
CA ILE B 138 -7.90 28.35 -3.77
C ILE B 138 -8.24 28.86 -5.18
N ILE B 139 -8.13 27.97 -6.17
CA ILE B 139 -8.35 28.33 -7.57
C ILE B 139 -9.79 28.77 -7.78
N GLY B 140 -10.72 28.12 -7.08
CA GLY B 140 -12.13 28.45 -7.10
C GLY B 140 -12.50 29.84 -6.61
N GLU B 141 -11.61 30.52 -5.90
CA GLU B 141 -11.79 31.94 -5.58
C GLU B 141 -11.59 32.86 -6.78
N PHE B 142 -10.90 32.36 -7.81
CA PHE B 142 -10.56 33.16 -8.96
C PHE B 142 -11.26 32.70 -10.23
N LEU B 143 -11.53 31.40 -10.33
CA LEU B 143 -12.18 30.81 -11.51
C LEU B 143 -13.49 30.15 -11.11
N PRO B 144 -14.45 30.06 -12.04
CA PRO B 144 -15.70 29.35 -11.76
C PRO B 144 -15.44 27.89 -11.46
N SER B 145 -16.11 27.36 -10.45
CA SER B 145 -15.98 25.96 -10.04
C SER B 145 -16.34 24.93 -11.14
N PRO B 146 -17.31 25.22 -12.02
CA PRO B 146 -17.62 24.28 -13.11
C PRO B 146 -16.46 24.00 -14.11
N LEU B 147 -15.45 24.84 -14.15
CA LEU B 147 -14.30 24.61 -15.02
C LEU B 147 -13.22 23.73 -14.37
N LEU B 148 -13.39 23.43 -13.09
CA LEU B 148 -12.33 22.81 -12.28
C LEU B 148 -12.54 21.30 -12.10
N SER B 149 -11.49 20.55 -12.45
CA SER B 149 -11.42 19.12 -12.17
C SER B 149 -10.09 18.87 -11.45
N VAL B 150 -9.94 17.69 -10.87
CA VAL B 150 -8.77 17.37 -10.05
C VAL B 150 -8.11 16.09 -10.57
N LEU B 151 -6.78 16.12 -10.70
CA LEU B 151 -6.04 14.93 -11.08
C LEU B 151 -5.33 14.41 -9.85
N ALA B 152 -5.43 13.12 -9.57
CA ALA B 152 -4.79 12.57 -8.39
C ALA B 152 -4.52 11.09 -8.53
N GLY B 153 -3.33 10.65 -8.15
CA GLY B 153 -3.03 9.24 -8.15
C GLY B 153 -1.56 8.98 -7.90
N PRO B 154 -1.16 7.71 -7.92
CA PRO B 154 0.23 7.36 -7.71
C PRO B 154 1.02 7.66 -8.99
N SER B 155 1.68 8.81 -9.02
CA SER B 155 2.27 9.34 -10.24
C SER B 155 3.58 10.09 -10.04
N PHE B 156 4.62 9.39 -9.61
CA PHE B 156 5.95 9.97 -9.51
C PHE B 156 6.34 10.61 -10.85
N ALA B 157 6.79 11.87 -10.77
CA ALA B 157 7.10 12.70 -11.94
C ALA B 157 8.08 12.03 -12.90
N ILE B 158 9.12 11.40 -12.38
CA ILE B 158 10.15 10.85 -13.25
C ILE B 158 9.60 9.72 -14.13
N GLU B 159 8.74 8.88 -13.55
CA GLU B 159 8.08 7.80 -14.30
C GLU B 159 7.07 8.35 -15.29
N VAL B 160 6.26 9.32 -14.87
CA VAL B 160 5.31 9.98 -15.75
C VAL B 160 6.04 10.67 -16.92
N ALA B 161 7.11 11.39 -16.63
CA ALA B 161 7.80 12.18 -17.64
C ALA B 161 8.43 11.29 -18.73
N THR B 162 8.88 10.10 -18.35
CA THR B 162 9.54 9.17 -19.28
C THR B 162 8.61 8.09 -19.84
N GLY B 163 7.31 8.21 -19.61
CA GLY B 163 6.32 7.33 -20.20
C GLY B 163 6.22 5.93 -19.62
N VAL B 164 6.64 5.75 -18.36
CA VAL B 164 6.50 4.48 -17.69
C VAL B 164 5.07 4.39 -17.13
N PHE B 165 4.47 3.20 -17.27
CA PHE B 165 3.06 2.98 -16.98
C PHE B 165 2.58 3.60 -15.66
N THR B 166 1.56 4.43 -15.77
CA THR B 166 0.99 5.18 -14.64
C THR B 166 -0.51 5.26 -14.78
N CYS B 167 -1.22 5.07 -13.68
CA CYS B 167 -2.66 5.26 -13.57
C CYS B 167 -2.95 6.40 -12.63
N VAL B 168 -3.87 7.28 -13.02
CA VAL B 168 -4.37 8.33 -12.14
C VAL B 168 -5.90 8.43 -12.22
N SER B 169 -6.48 9.08 -11.21
CA SER B 169 -7.90 9.44 -11.21
C SER B 169 -8.05 10.90 -11.66
N ILE B 170 -9.11 11.16 -12.42
CA ILE B 170 -9.53 12.54 -12.67
C ILE B 170 -10.93 12.67 -12.07
N ALA B 171 -11.08 13.64 -11.17
CA ALA B 171 -12.32 13.85 -10.46
C ALA B 171 -12.95 15.15 -10.92
N SER B 172 -14.24 15.09 -11.20
CA SER B 172 -15.02 16.28 -11.54
C SER B 172 -16.44 16.08 -11.03
N ALA B 173 -17.05 17.17 -10.58
CA ALA B 173 -18.43 17.14 -10.06
C ALA B 173 -19.35 16.44 -11.06
N ASP B 174 -19.12 16.73 -12.34
CA ASP B 174 -19.88 16.12 -13.43
C ASP B 174 -19.03 15.03 -14.06
N ILE B 175 -19.49 13.78 -13.98
CA ILE B 175 -18.75 12.62 -14.49
C ILE B 175 -18.39 12.71 -15.99
N ASN B 176 -19.23 13.36 -16.79
CA ASN B 176 -18.97 13.52 -18.22
C ASN B 176 -17.81 14.45 -18.50
N VAL B 177 -17.59 15.43 -17.62
CA VAL B 177 -16.39 16.26 -17.71
C VAL B 177 -15.15 15.42 -17.40
N ALA B 178 -15.20 14.64 -16.31
CA ALA B 178 -14.10 13.74 -15.95
C ALA B 178 -13.76 12.78 -17.10
N ARG B 179 -14.78 12.20 -17.72
CA ARG B 179 -14.59 11.28 -18.83
C ARG B 179 -13.99 11.94 -20.07
N ARG B 180 -14.37 13.18 -20.34
CA ARG B 180 -13.76 13.94 -21.44
C ARG B 180 -12.26 14.16 -21.18
N LEU B 181 -11.94 14.65 -19.99
CA LEU B 181 -10.55 14.90 -19.60
C LEU B 181 -9.73 13.63 -19.62
N GLN B 182 -10.37 12.53 -19.25
CA GLN B 182 -9.73 11.24 -19.25
C GLN B 182 -9.31 10.88 -20.69
N ARG B 183 -10.13 11.27 -21.66
CA ARG B 183 -9.83 11.03 -23.08
C ARG B 183 -8.73 11.97 -23.61
N ILE B 184 -8.62 13.16 -23.02
CA ILE B 184 -7.57 14.10 -23.39
C ILE B 184 -6.21 13.70 -22.82
N MET B 185 -6.20 13.26 -21.56
CA MET B 185 -4.97 13.02 -20.81
C MET B 185 -4.37 11.64 -21.05
N SER B 186 -5.21 10.67 -21.38
CA SER B 186 -4.78 9.29 -21.54
C SER B 186 -4.06 9.10 -22.89
N THR B 187 -3.05 8.24 -22.92
CA THR B 187 -2.23 8.09 -24.12
C THR B 187 -2.48 6.75 -24.81
N GLY B 188 -2.29 6.74 -26.13
CA GLY B 188 -2.61 5.59 -26.95
C GLY B 188 -1.57 4.50 -26.83
N ASP B 189 -0.35 4.88 -26.44
CA ASP B 189 0.68 3.90 -26.12
C ASP B 189 0.47 3.28 -24.72
N ARG B 190 -0.65 3.62 -24.08
CA ARG B 190 -1.04 3.09 -22.77
C ARG B 190 -0.04 3.36 -21.66
N SER B 191 0.75 4.41 -21.81
CA SER B 191 1.73 4.81 -20.80
C SER B 191 1.08 5.59 -19.65
N PHE B 192 -0.01 6.29 -19.94
CA PHE B 192 -0.69 7.13 -18.95
C PHE B 192 -2.17 6.90 -19.10
N VAL B 193 -2.78 6.32 -18.08
CA VAL B 193 -4.17 5.90 -18.13
C VAL B 193 -4.95 6.55 -16.98
N CYS B 194 -6.02 7.23 -17.34
CA CYS B 194 -6.84 7.98 -16.40
C CYS B 194 -8.15 7.24 -16.13
N TRP B 195 -8.64 7.36 -14.90
CA TRP B 195 -9.87 6.74 -14.45
C TRP B 195 -10.78 7.83 -13.88
N ALA B 196 -12.03 7.88 -14.34
CA ALA B 196 -12.95 8.97 -13.99
C ALA B 196 -13.68 8.73 -12.67
N THR B 197 -13.89 9.81 -11.94
CA THR B 197 -14.65 9.77 -10.69
C THR B 197 -15.29 11.14 -10.42
N THR B 198 -16.25 11.16 -9.49
CA THR B 198 -16.85 12.41 -9.04
C THR B 198 -16.43 12.82 -7.62
N ASP B 199 -15.62 12.00 -6.96
CA ASP B 199 -15.26 12.25 -5.58
C ASP B 199 -14.10 13.23 -5.48
N THR B 200 -14.40 14.49 -5.80
CA THR B 200 -13.39 15.53 -5.80
C THR B 200 -12.86 15.78 -4.41
N VAL B 201 -13.73 15.71 -3.41
CA VAL B 201 -13.33 15.93 -2.02
C VAL B 201 -12.40 14.83 -1.51
N GLY B 202 -12.79 13.58 -1.75
CA GLY B 202 -11.95 12.45 -1.39
C GLY B 202 -10.58 12.50 -2.05
N CYS B 203 -10.54 12.94 -3.30
CA CYS B 203 -9.29 13.03 -4.02
C CYS B 203 -8.36 14.05 -3.40
N GLU B 204 -8.87 15.26 -3.20
CA GLU B 204 -8.04 16.33 -2.67
C GLU B 204 -7.66 16.12 -1.20
N VAL B 205 -8.53 15.51 -0.41
CA VAL B 205 -8.21 15.19 0.99
C VAL B 205 -7.09 14.15 1.03
N ALA B 206 -7.25 13.06 0.28
CA ALA B 206 -6.25 12.00 0.21
C ALA B 206 -4.90 12.54 -0.24
N SER B 207 -4.92 13.36 -1.28
CA SER B 207 -3.69 13.97 -1.83
C SER B 207 -2.93 14.81 -0.81
N ALA B 208 -3.66 15.61 -0.03
CA ALA B 208 -3.02 16.49 0.97
C ALA B 208 -2.51 15.70 2.16
N VAL B 209 -3.33 14.80 2.66
CA VAL B 209 -3.00 14.04 3.85
C VAL B 209 -1.90 13.02 3.58
N LYS B 210 -1.91 12.40 2.40
CA LYS B 210 -0.91 11.38 2.11
C LYS B 210 0.52 11.92 2.18
N ASN B 211 0.71 13.19 1.86
CA ASN B 211 2.04 13.80 1.97
C ASN B 211 2.52 13.96 3.41
N VAL B 212 1.59 14.21 4.32
CA VAL B 212 1.92 14.27 5.74
C VAL B 212 2.28 12.87 6.23
N LEU B 213 1.46 11.87 5.89
CA LEU B 213 1.76 10.49 6.25
C LEU B 213 3.10 10.02 5.70
N ALA B 214 3.47 10.47 4.50
CA ALA B 214 4.70 10.05 3.87
C ALA B 214 5.91 10.56 4.66
N ILE B 215 5.79 11.75 5.25
CA ILE B 215 6.83 12.22 6.18
C ILE B 215 6.95 11.21 7.32
N GLY B 216 5.82 10.81 7.88
CA GLY B 216 5.80 9.76 8.90
C GLY B 216 6.49 8.48 8.47
N SER B 217 6.24 8.06 7.23
CA SER B 217 6.87 6.84 6.75
C SER B 217 8.38 7.00 6.70
N GLY B 218 8.83 8.16 6.20
CA GLY B 218 10.24 8.49 6.17
C GLY B 218 10.87 8.54 7.55
N VAL B 219 10.14 9.10 8.52
CA VAL B 219 10.61 9.10 9.90
C VAL B 219 10.82 7.67 10.39
N ALA B 220 9.85 6.78 10.16
CA ALA B 220 9.99 5.38 10.52
C ALA B 220 11.27 4.78 9.95
N ASN B 221 11.53 5.04 8.68
CA ASN B 221 12.73 4.57 7.99
C ASN B 221 13.99 5.13 8.65
N GLY B 222 13.98 6.42 8.98
CA GLY B 222 15.14 7.10 9.55
C GLY B 222 15.46 6.63 10.95
N LEU B 223 14.44 6.16 11.64
CA LEU B 223 14.57 5.61 12.97
C LEU B 223 15.03 4.15 12.97
N GLY B 224 15.16 3.53 11.79
CA GLY B 224 15.63 2.16 11.68
C GLY B 224 14.51 1.11 11.69
N MET B 225 13.26 1.54 11.60
CA MET B 225 12.13 0.62 11.50
C MET B 225 12.10 0.06 10.06
N GLY B 226 11.33 -1.01 9.87
CA GLY B 226 11.39 -1.75 8.63
C GLY B 226 10.13 -1.67 7.79
N LEU B 227 10.00 -2.63 6.89
CA LEU B 227 8.89 -2.67 5.96
C LEU B 227 7.57 -3.06 6.61
N ASN B 228 7.63 -3.87 7.66
CA ASN B 228 6.42 -4.25 8.40
C ASN B 228 5.80 -2.98 9.02
N ALA B 229 6.65 -2.12 9.59
CA ALA B 229 6.19 -0.88 10.20
C ALA B 229 5.58 0.06 9.16
N ARG B 230 6.23 0.16 8.02
CA ARG B 230 5.75 0.98 6.91
C ARG B 230 4.34 0.56 6.52
N ALA B 231 4.13 -0.74 6.36
CA ALA B 231 2.85 -1.29 5.96
C ALA B 231 1.77 -0.94 6.98
N ALA B 232 2.13 -1.03 8.26
CA ALA B 232 1.21 -0.69 9.33
C ALA B 232 0.84 0.79 9.30
N LEU B 233 1.81 1.65 9.05
CA LEU B 233 1.58 3.08 8.94
C LEU B 233 0.66 3.41 7.76
N ILE B 234 0.86 2.75 6.62
CA ILE B 234 0.00 2.99 5.46
C ILE B 234 -1.43 2.59 5.81
N MET B 235 -1.58 1.43 6.42
CA MET B 235 -2.90 0.89 6.71
C MET B 235 -3.63 1.79 7.74
N ARG B 236 -2.97 2.13 8.83
CA ARG B 236 -3.61 2.97 9.86
C ARG B 236 -3.81 4.41 9.38
N GLY B 237 -2.88 4.89 8.57
CA GLY B 237 -2.96 6.23 7.99
C GLY B 237 -4.16 6.43 7.07
N LEU B 238 -4.48 5.42 6.28
CA LEU B 238 -5.63 5.49 5.39
C LEU B 238 -6.93 5.75 6.14
N LEU B 239 -7.02 5.25 7.37
CA LEU B 239 -8.17 5.51 8.21
C LEU B 239 -8.34 6.99 8.48
N GLU B 240 -7.24 7.71 8.59
CA GLU B 240 -7.26 9.15 8.83
C GLU B 240 -7.77 9.91 7.60
N ILE B 241 -7.31 9.50 6.43
CA ILE B 241 -7.82 10.01 5.17
C ILE B 241 -9.33 9.76 5.09
N ARG B 242 -9.75 8.56 5.45
CA ARG B 242 -11.13 8.17 5.36
C ARG B 242 -12.00 9.02 6.30
N ASP B 243 -11.57 9.22 7.54
CA ASP B 243 -12.34 9.99 8.51
C ASP B 243 -12.44 11.47 8.13
N LEU B 244 -11.33 12.06 7.67
CA LEU B 244 -11.37 13.46 7.27
C LEU B 244 -12.28 13.64 6.06
N THR B 245 -12.23 12.70 5.11
CA THR B 245 -13.07 12.74 3.92
C THR B 245 -14.56 12.75 4.29
N ALA B 246 -14.95 11.86 5.19
CA ALA B 246 -16.32 11.79 5.70
C ALA B 246 -16.74 13.12 6.33
N ALA B 247 -15.86 13.73 7.12
CA ALA B 247 -16.21 14.97 7.82
C ALA B 247 -16.33 16.15 6.86
N LEU B 248 -15.65 16.08 5.72
CA LEU B 248 -15.66 17.16 4.74
C LEU B 248 -16.71 16.95 3.64
N GLY B 249 -17.47 15.88 3.72
CA GLY B 249 -18.62 15.69 2.86
C GLY B 249 -18.35 14.92 1.59
N GLY B 250 -17.14 14.37 1.47
CA GLY B 250 -16.80 13.49 0.37
C GLY B 250 -17.53 12.16 0.51
N ASP B 251 -17.86 11.53 -0.62
CA ASP B 251 -18.55 10.25 -0.57
C ASP B 251 -17.61 9.06 -0.31
N GLY B 252 -16.31 9.27 -0.41
CA GLY B 252 -15.32 8.30 0.03
C GLY B 252 -14.91 7.23 -0.98
N SER B 253 -15.41 7.31 -2.20
CA SER B 253 -15.04 6.35 -3.24
C SER B 253 -13.55 6.41 -3.60
N ALA B 254 -12.96 7.58 -3.44
CA ALA B 254 -11.55 7.78 -3.75
C ALA B 254 -10.62 7.15 -2.72
N VAL B 255 -11.12 6.94 -1.50
CA VAL B 255 -10.27 6.52 -0.37
C VAL B 255 -9.49 5.24 -0.67
N PHE B 256 -10.17 4.24 -1.21
CA PHE B 256 -9.52 2.97 -1.51
C PHE B 256 -9.16 2.85 -3.00
N GLY B 257 -9.16 3.98 -3.70
CA GLY B 257 -8.80 4.04 -5.10
C GLY B 257 -7.42 4.62 -5.31
N LEU B 258 -7.18 5.14 -6.50
CA LEU B 258 -5.86 5.60 -6.90
C LEU B 258 -5.43 6.82 -6.09
N ALA B 259 -6.35 7.74 -5.84
CA ALA B 259 -6.04 8.99 -5.12
C ALA B 259 -5.64 8.77 -3.66
N GLY B 260 -6.33 7.82 -3.03
CA GLY B 260 -6.10 7.51 -1.64
C GLY B 260 -5.09 6.42 -1.46
N LEU B 261 -5.58 5.19 -1.40
CA LEU B 261 -4.74 4.03 -1.19
C LEU B 261 -3.53 3.97 -2.15
N GLY B 262 -3.76 4.19 -3.44
CA GLY B 262 -2.69 4.03 -4.42
C GLY B 262 -1.55 5.00 -4.19
N ASP B 263 -1.91 6.28 -4.08
CA ASP B 263 -0.93 7.36 -3.92
C ASP B 263 -0.28 7.31 -2.53
N LEU B 264 -1.06 7.00 -1.51
CA LEU B 264 -0.54 6.86 -0.14
C LEU B 264 0.52 5.77 -0.10
N GLN B 265 0.20 4.59 -0.61
CA GLN B 265 1.16 3.49 -0.53
C GLN B 265 2.43 3.78 -1.36
N LEU B 266 2.28 4.41 -2.52
CA LEU B 266 3.40 4.78 -3.36
C LEU B 266 4.34 5.76 -2.65
N THR B 267 3.78 6.82 -2.09
CA THR B 267 4.56 7.93 -1.56
C THR B 267 5.26 7.52 -0.25
N CYS B 268 4.63 6.63 0.51
CA CYS B 268 5.20 6.14 1.75
C CYS B 268 6.29 5.12 1.54
N SER B 269 6.51 4.67 0.29
CA SER B 269 7.37 3.52 0.02
C SER B 269 8.63 3.81 -0.80
N SER B 270 8.94 5.07 -1.05
CA SER B 270 10.09 5.40 -1.89
C SER B 270 10.74 6.75 -1.56
N GLU B 271 12.07 6.78 -1.59
CA GLU B 271 12.84 8.01 -1.49
C GLU B 271 12.66 8.97 -2.66
N LEU B 272 12.05 8.51 -3.75
CA LEU B 272 11.60 9.44 -4.79
C LEU B 272 10.59 10.46 -4.26
N SER B 273 9.88 10.13 -3.18
CA SER B 273 8.99 11.10 -2.57
C SER B 273 9.81 12.12 -1.78
N ARG B 274 9.57 13.40 -2.05
CA ARG B 274 10.23 14.49 -1.33
C ARG B 274 9.82 14.52 0.15
N ASN B 275 8.56 14.17 0.42
CA ASN B 275 8.05 14.09 1.76
C ASN B 275 8.64 12.94 2.53
N PHE B 276 8.74 11.77 1.89
CA PHE B 276 9.41 10.64 2.51
C PHE B 276 10.82 11.03 2.88
N THR B 277 11.53 11.68 1.96
CA THR B 277 12.93 12.06 2.18
C THR B 277 13.08 13.05 3.35
N VAL B 278 12.16 14.01 3.46
CA VAL B 278 12.14 14.91 4.61
C VAL B 278 12.00 14.12 5.91
N GLY B 279 11.03 13.20 5.95
CA GLY B 279 10.85 12.30 7.07
C GLY B 279 12.09 11.52 7.45
N LYS B 280 12.77 10.96 6.47
CA LYS B 280 13.97 10.19 6.71
C LYS B 280 14.99 11.07 7.41
N LYS B 281 15.17 12.29 6.92
CA LYS B 281 16.14 13.20 7.52
C LYS B 281 15.76 13.62 8.94
N LEU B 282 14.47 13.82 9.21
CA LEU B 282 14.01 14.11 10.57
C LEU B 282 14.28 12.95 11.52
N GLY B 283 14.04 11.73 11.04
CA GLY B 283 14.31 10.52 11.80
C GLY B 283 15.78 10.31 12.06
N LYS B 284 16.64 10.75 11.14
CA LYS B 284 18.09 10.70 11.34
C LYS B 284 18.63 11.84 12.24
N GLY B 285 17.78 12.81 12.57
CA GLY B 285 18.09 13.82 13.59
C GLY B 285 18.38 15.22 13.08
N LEU B 286 18.16 15.47 11.80
CA LEU B 286 18.35 16.81 11.27
C LEU B 286 17.14 17.69 11.65
N PRO B 287 17.37 18.96 11.93
CA PRO B 287 16.24 19.90 12.14
C PRO B 287 15.55 20.28 10.83
N ILE B 288 14.25 20.52 10.87
CA ILE B 288 13.49 20.89 9.66
C ILE B 288 14.03 22.15 8.97
N GLU B 289 14.63 23.06 9.76
CA GLU B 289 15.14 24.33 9.25
C GLU B 289 16.33 24.09 8.29
N GLU B 290 17.16 23.12 8.63
CA GLU B 290 18.26 22.71 7.75
C GLU B 290 17.79 21.85 6.55
N ILE B 291 16.85 20.93 6.79
CA ILE B 291 16.22 20.18 5.68
C ILE B 291 15.73 21.15 4.61
N GLN B 292 14.90 22.10 5.02
CA GLN B 292 14.23 23.00 4.09
C GLN B 292 15.20 24.04 3.49
N ARG B 293 16.23 24.41 4.25
CA ARG B 293 17.26 25.32 3.74
C ARG B 293 17.99 24.69 2.54
N THR B 294 18.31 23.41 2.63
CA THR B 294 19.11 22.74 1.59
C THR B 294 18.30 21.95 0.55
N SER B 295 16.98 22.12 0.54
CA SER B 295 16.13 21.35 -0.38
C SER B 295 15.83 22.13 -1.65
N LYS B 296 15.90 21.43 -2.77
CA LYS B 296 15.72 22.03 -4.08
C LYS B 296 14.41 21.55 -4.71
N ALA B 297 13.51 20.98 -3.91
CA ALA B 297 12.19 20.60 -4.36
C ALA B 297 11.19 20.72 -3.23
N VAL B 298 9.94 20.97 -3.60
CA VAL B 298 8.89 21.18 -2.61
C VAL B 298 8.45 19.86 -1.97
N ALA B 299 8.35 19.89 -0.64
CA ALA B 299 7.77 18.81 0.12
C ALA B 299 6.51 19.37 0.75
N GLU B 300 5.38 19.16 0.08
CA GLU B 300 4.10 19.79 0.44
C GLU B 300 3.61 19.43 1.84
N GLY B 301 3.92 18.22 2.28
CA GLY B 301 3.55 17.76 3.61
C GLY B 301 4.09 18.66 4.73
N VAL B 302 5.25 19.25 4.53
CA VAL B 302 5.83 20.14 5.55
C VAL B 302 4.90 21.31 5.85
N ALA B 303 4.45 22.03 4.83
CA ALA B 303 3.59 23.20 5.04
C ALA B 303 2.14 22.80 5.29
N THR B 304 1.78 21.60 4.86
CA THR B 304 0.42 21.08 5.05
C THR B 304 0.13 20.65 6.49
N ALA B 305 1.15 20.21 7.23
CA ALA B 305 0.94 19.54 8.51
C ALA B 305 0.19 20.43 9.52
N ASP B 306 0.53 21.70 9.57
CA ASP B 306 -0.10 22.62 10.51
C ASP B 306 -1.57 22.94 10.16
N PRO B 307 -1.86 23.45 8.96
CA PRO B 307 -3.27 23.64 8.58
C PRO B 307 -4.12 22.37 8.58
N LEU B 308 -3.52 21.19 8.31
CA LEU B 308 -4.25 19.93 8.43
C LEU B 308 -4.72 19.71 9.86
N MET B 309 -3.83 19.92 10.83
CA MET B 309 -4.18 19.76 12.25
C MET B 309 -5.31 20.71 12.65
N ARG B 310 -5.22 21.95 12.21
CA ARG B 310 -6.23 22.97 12.53
C ARG B 310 -7.57 22.59 11.92
N LEU B 311 -7.57 22.06 10.69
CA LEU B 311 -8.81 21.65 10.03
C LEU B 311 -9.45 20.46 10.75
N ALA B 312 -8.63 19.52 11.19
CA ALA B 312 -9.12 18.32 11.85
C ALA B 312 -9.70 18.67 13.24
N LYS B 313 -9.03 19.55 13.97
CA LYS B 313 -9.51 20.07 15.24
C LYS B 313 -10.89 20.74 15.07
N GLN B 314 -10.99 21.62 14.07
CA GLN B 314 -12.24 22.27 13.68
C GLN B 314 -13.40 21.28 13.47
N LEU B 315 -13.10 20.18 12.79
CA LEU B 315 -14.11 19.18 12.42
C LEU B 315 -14.21 18.04 13.43
N LYS B 316 -13.39 18.08 14.49
CA LYS B 316 -13.36 17.05 15.52
C LYS B 316 -13.00 15.67 14.96
N VAL B 317 -12.04 15.62 14.04
CA VAL B 317 -11.58 14.38 13.45
C VAL B 317 -10.24 14.02 14.09
N LYS B 318 -10.19 12.85 14.70
CA LYS B 318 -8.95 12.37 15.31
C LYS B 318 -8.06 11.79 14.21
N MET B 319 -6.82 12.26 14.16
CA MET B 319 -5.84 11.79 13.17
C MET B 319 -4.54 11.56 13.93
N PRO B 320 -4.48 10.47 14.69
CA PRO B 320 -3.35 10.23 15.60
C PRO B 320 -1.95 10.24 14.95
N LEU B 321 -1.79 9.61 13.79
CA LEU B 321 -0.51 9.63 13.09
C LEU B 321 -0.16 11.04 12.60
N CYS B 322 -1.10 11.69 11.92
CA CYS B 322 -0.85 13.02 11.40
C CYS B 322 -0.58 14.01 12.53
N HIS B 323 -1.19 13.78 13.68
CA HIS B 323 -0.97 14.65 14.84
C HIS B 323 0.47 14.55 15.30
N GLN B 324 0.99 13.33 15.45
CA GLN B 324 2.38 13.15 15.87
C GLN B 324 3.39 13.65 14.84
N ILE B 325 3.05 13.56 13.56
CA ILE B 325 3.93 14.02 12.49
C ILE B 325 4.01 15.54 12.52
N TYR B 326 2.84 16.17 12.70
CA TYR B 326 2.73 17.60 12.92
C TYR B 326 3.59 18.05 14.13
N GLU B 327 3.54 17.31 15.23
CA GLU B 327 4.38 17.62 16.41
C GLU B 327 5.86 17.58 16.05
N ILE B 328 6.27 16.55 15.29
CA ILE B 328 7.65 16.44 14.84
C ILE B 328 8.02 17.61 13.90
N VAL B 329 7.18 17.87 12.91
CA VAL B 329 7.50 18.83 11.86
C VAL B 329 7.49 20.31 12.36
N TYR B 330 6.49 20.65 13.16
CA TYR B 330 6.19 22.02 13.56
C TYR B 330 6.53 22.34 15.01
N LYS B 331 6.55 21.34 15.88
CA LYS B 331 6.84 21.56 17.31
C LYS B 331 8.15 20.95 17.74
N LYS B 332 8.96 20.46 16.80
CA LYS B 332 10.28 19.94 17.13
C LYS B 332 10.25 18.79 18.15
N LYS B 333 9.13 18.07 18.20
CA LYS B 333 9.02 16.89 19.05
C LYS B 333 10.03 15.87 18.56
N ASN B 334 10.84 15.35 19.48
CA ASN B 334 11.79 14.26 19.19
C ASN B 334 11.01 13.10 18.57
N PRO B 335 11.42 12.62 17.40
CA PRO B 335 10.68 11.54 16.72
C PRO B 335 10.48 10.29 17.59
N ARG B 336 11.42 9.98 18.48
CA ARG B 336 11.27 8.84 19.38
C ARG B 336 10.20 9.08 20.44
N ASP B 337 10.08 10.31 20.95
CA ASP B 337 8.98 10.65 21.84
C ASP B 337 7.63 10.57 21.13
N ALA B 338 7.60 11.02 19.88
CA ALA B 338 6.39 10.96 19.07
C ALA B 338 5.95 9.52 18.87
N LEU B 339 6.91 8.65 18.58
CA LEU B 339 6.66 7.22 18.43
C LEU B 339 6.11 6.63 19.73
N ALA B 340 6.76 6.95 20.85
CA ALA B 340 6.34 6.46 22.17
C ALA B 340 4.89 6.84 22.49
N ASP B 341 4.54 8.10 22.24
CA ASP B 341 3.20 8.60 22.52
C ASP B 341 2.18 7.95 21.58
N LEU B 342 2.59 7.71 20.34
CA LEU B 342 1.75 7.04 19.36
C LEU B 342 1.33 5.66 19.85
N LEU B 343 2.29 4.92 20.42
CA LEU B 343 2.11 3.53 20.84
C LEU B 343 1.68 3.38 22.32
N SER B 344 1.37 4.49 22.97
CA SER B 344 0.96 4.47 24.37
C SER B 344 -0.52 4.11 24.55
N CYS B 345 -1.20 3.77 23.46
CA CYS B 345 -2.65 3.51 23.50
C CYS B 345 -3.01 2.13 24.05
N GLY B 346 -2.05 1.22 24.08
CA GLY B 346 -2.34 -0.14 24.48
C GLY B 346 -3.14 -0.89 23.43
N LEU B 347 -3.53 -2.12 23.78
CA LEU B 347 -4.06 -3.06 22.81
C LEU B 347 -5.48 -2.71 22.40
N GLN B 348 -5.79 -2.88 21.12
CA GLN B 348 -7.12 -2.56 20.61
C GLN B 348 -7.58 -3.45 19.47
N ASP B 349 -8.87 -3.34 19.18
CA ASP B 349 -9.46 -3.96 18.02
C ASP B 349 -8.98 -3.20 16.78
N GLU B 350 -8.80 -3.92 15.66
CA GLU B 350 -8.52 -3.28 14.38
C GLU B 350 -9.55 -2.15 14.13
N GLY B 351 -10.81 -2.48 14.39
CA GLY B 351 -11.84 -1.47 14.52
C GLY B 351 -12.40 -0.91 13.22
N LEU B 352 -12.14 -1.58 12.11
CA LEU B 352 -12.69 -1.16 10.81
C LEU B 352 -14.13 -1.62 10.68
N PRO B 353 -14.96 -0.83 10.01
CA PRO B 353 -16.35 -1.22 9.75
C PRO B 353 -16.42 -2.34 8.70
N PRO B 354 -17.45 -3.18 8.77
CA PRO B 354 -17.68 -4.17 7.73
C PRO B 354 -18.02 -3.46 6.42
N LEU B 355 -17.58 -4.02 5.29
CA LEU B 355 -18.07 -3.59 3.98
C LEU B 355 -19.38 -4.30 3.63
N PHE B 356 -19.61 -5.47 4.25
CA PHE B 356 -20.68 -6.39 3.86
C PHE B 356 -21.44 -6.93 5.07
N LYS B 357 -22.60 -7.53 4.79
CA LYS B 357 -23.56 -7.91 5.81
C LYS B 357 -23.54 -9.41 6.06
O7N NDE C . 7.71 -13.95 6.04
C7N NDE C . 7.22 -15.08 5.96
N7N NDE C . 8.04 -16.08 5.62
C3N NDE C . 5.79 -15.32 6.23
C4N NDE C . 4.89 -14.16 6.66
C5N NDE C . 3.57 -14.61 7.19
C6N NDE C . 3.05 -15.78 6.80
C2N NDE C . 5.35 -16.59 6.08
N1N NDE C . 3.92 -16.82 6.28
C1D NDE C . 3.34 -18.14 6.04
C2D NDE C . 3.44 -18.70 4.64
O2D NDE C . 2.40 -18.17 3.86
C3D NDE C . 3.34 -20.21 4.89
O3D NDE C . 1.98 -20.62 4.81
O4D NDE C . 4.03 -19.07 6.84
C4D NDE C . 3.77 -20.39 6.34
C5D NDE C . 5.08 -21.11 6.54
O5D NDE C . 5.93 -20.60 5.54
PN NDE C . 7.48 -20.28 5.82
O1N NDE C . 7.73 -18.94 5.20
O2N NDE C . 7.82 -20.54 7.28
PA NDE C . 9.94 -22.01 4.63
O1A NDE C . 9.81 -21.97 3.16
O3 NDE C . 8.57 -21.39 4.79
O2A NDE C . 10.47 -20.83 5.36
O5B NDE C . 9.61 -23.37 5.38
C5B NDE C . 9.19 -24.54 4.75
C4B NDE C . 8.54 -25.34 5.84
O4B NDE C . 7.88 -26.43 5.16
C1B NDE C . 8.51 -27.64 5.54
C2B NDE C . 9.87 -27.27 6.08
O2B NDE C . 10.31 -28.30 6.92
C3B NDE C . 9.53 -25.96 6.80
O3B NDE C . 8.89 -26.27 8.01
N9A NDE C . 8.49 -28.46 4.35
C8A NDE C . 9.15 -28.25 3.16
N7A NDE C . 8.87 -29.22 2.32
C5A NDE C . 8.00 -30.10 2.94
C6A NDE C . 7.35 -31.28 2.55
N6A NDE C . 7.55 -31.78 1.31
C4A NDE C . 7.76 -29.62 4.22
N3A NDE C . 6.95 -30.27 5.06
C2A NDE C . 6.34 -31.40 4.66
N1A NDE C . 6.54 -31.91 3.43
P NDE C . 5.78 -14.35 0.97
O1P NDE C . 5.18 -15.68 1.36
O2P NDE C . 5.25 -13.71 -0.27
O3P NDE C . 7.23 -14.20 1.27
O1 NDE C . 5.09 -13.37 2.06
C1 NDE C . 5.53 -13.47 3.42
C2 NDE C . 4.46 -13.30 4.44
O2 NDE C . 3.25 -13.50 4.27
C3 NDE C . 4.88 -12.86 5.78
O31 NDE C . 3.95 -11.76 6.09
O7N NDE D . 6.16 13.41 -8.44
C7N NDE D . 5.81 14.58 -8.21
N7N NDE D . 6.72 15.54 -8.18
C3N NDE D . 4.40 14.88 -7.96
C4N NDE D . 3.32 13.80 -8.04
C5N NDE D . 1.93 14.35 -8.16
C6N NDE D . 1.66 15.55 -7.66
C2N NDE D . 4.11 16.17 -7.67
N1N NDE D . 2.73 16.50 -7.39
C1D NDE D . 2.35 17.85 -6.92
C2D NDE D . 2.98 18.35 -5.63
O2D NDE D . 2.22 17.89 -4.54
C3D NDE D . 2.90 19.88 -5.80
O3D NDE D . 1.64 20.35 -5.32
O4D NDE D . 2.76 18.77 -7.92
C4D NDE D . 2.87 20.08 -7.32
C5D NDE D . 4.09 20.75 -7.92
O5D NDE D . 5.24 20.27 -7.26
PN NDE D . 6.51 19.75 -8.07
O1N NDE D . 6.75 18.35 -7.61
O2N NDE D . 6.29 20.02 -9.54
PA NDE D . 9.29 21.25 -7.69
O1A NDE D . 9.59 21.21 -6.24
O3 NDE D . 7.88 20.74 -7.45
O2A NDE D . 9.57 20.06 -8.56
O5B NDE D . 8.77 22.53 -8.43
C5B NDE D . 8.75 23.71 -7.66
C4B NDE D . 7.86 24.69 -8.40
O4B NDE D . 7.55 25.78 -7.48
C1B NDE D . 8.07 26.98 -8.00
C2B NDE D . 9.15 26.59 -9.01
O2B NDE D . 9.40 27.61 -9.96
C3B NDE D . 8.54 25.32 -9.61
O3B NDE D . 7.56 25.64 -10.56
N9A NDE D . 8.55 27.72 -6.84
C8A NDE D . 9.56 27.35 -5.97
N7A NDE D . 9.71 28.29 -5.03
C5A NDE D . 8.77 29.28 -5.27
C6A NDE D . 8.45 30.50 -4.63
N6A NDE D . 9.13 30.87 -3.53
C4A NDE D . 8.05 28.91 -6.39
N3A NDE D . 7.06 29.71 -6.85
C2A NDE D . 6.77 30.86 -6.22
N1A NDE D . 7.45 31.25 -5.13
P NDE D . 6.03 13.79 -3.02
O1P NDE D . 5.39 15.15 -3.21
O2P NDE D . 6.03 13.15 -1.66
O3P NDE D . 7.22 13.55 -3.89
O1 NDE D . 4.90 12.91 -3.71
C1 NDE D . 4.87 12.95 -5.16
C2 NDE D . 3.50 12.94 -5.77
O2 NDE D . 2.44 13.27 -5.22
C3 NDE D . 3.45 12.51 -7.18
O31 NDE D . 2.38 11.54 -7.31
#